data_9V2N
#
_entry.id   9V2N
#
_cell.length_a   1.00
_cell.length_b   1.00
_cell.length_c   1.00
_cell.angle_alpha   90.00
_cell.angle_beta   90.00
_cell.angle_gamma   90.00
#
_symmetry.space_group_name_H-M   'P 1'
#
loop_
_entity.id
_entity.type
_entity.pdbx_description
1 polymer 'Engineered G-alpha-q subunit'
2 polymer 'Guanine nucleotide-binding protein G(I)/G(S)/G(T) subunit beta-1'
3 polymer 'Guanine nucleotide-binding protein G(I)/G(S)/G(O) subunit gamma-2'
4 polymer NB35
5 polymer 'Soluble cytochrome b562,Growth hormone secretagogue receptor type 1,growth hormone secretagogue receptor'
6 polymer scFv16
7 non-polymer Macimorelin
#
loop_
_entity_poly.entity_id
_entity_poly.type
_entity_poly.pdbx_seq_one_letter_code
_entity_poly.pdbx_strand_id
1 'polypeptide(L)'
;MMGCTLSAEDKAAVERSKMIEKQLQKDKQVYRRTLRLLLLGADNSGKSTIVKQMRIYHVNGYSEEECKQYKAVVYSNTIQ
SIIAIIRAMGRLKIDFGDSARADDARQLFVLAGAAEEGFMTAELAGVIKRLWKDSGVQACFNRSREYQLNDSAAYYLNDL
DRIAQPNYIPTQQDVLRTRVKTSGIFETKFQVDKVNFHMFDVGAQRDERRKWIQCFNDVTAIIFVVDSSDYNRLQEALND
FKSIWNNRWLRTISVILFLNKQDLLAEKVLAGKSKIEDYFPEFARYTTPEDATPEPGEDPRVTRAKYFIRKEFVDISTAS
GDGRHICYPHFTCSVDTENARRIFNDCKDIILQMNLREYNLV
;
A
2 'polypeptide(L)'
;MGSLLQSELDQLRQEAEQLKNQIRDARKACADATLSQITNNIDPVGRIQMRTRRTLRGHLAKIYAMHWGTDSRLLVSASQ
DGKLIIWDSYTTNKVHAIPLRSSWVMTCAYAPSGNYVACGGLDNICSIYNLKTREGNVRVSRELAGHTGYLSCCRFLDDN
QIVTSSGDTTCALWDIETGQQTTTFTGHTGDVMSLSLAPDTRLFVSGACDASAKLWDVREGMCRQTFTGHESDINAICFF
PNGNAFATGSDDATCRLFDLRADQELMTYSHDNIICGITSVSFSKSGRLLLAGYDDFNCNVWDALKADRAGVLAGHDNRV
SCLGVTDDGMAVATGSWDSFLKIWNGSSGGGGSGGGGSSGVSGWRLFKKIS
;
B
3 'polypeptide(L)' MASNNTASIAQARKLVEQLKMEANIDRIKVSKAAADLMAYCEAHAKEDPLLTPVPASENPFREKKFFCAIL G
4 'polypeptide(L)'
;MAQVQLQESGGGLVQPGGSLRLSCAASGFTFSNYKMNWVRQAPGKGLEWVSDISQSGASISYTGSVKGRFTISRDNAKNT
LYLQMNSLKPEDTAVYYCARCPAPFTRDCFDVTSTTYAYRGQGTQVTVSSHHHHHHEPEA
;
N
5 'polypeptide(L)'
;MKTIIALSYIFCLVFAHHHHHHHHHHPSRLEEELRRRLTEPADLEDNWETLNDNLKVIEKADNAAQVKDALTKMRAAALD
AQKATPPKLEDKSPDSPEMKDFRHGFDILVGQIDDALKLANEGKVKEAQAAAEQLKTTRNAYIQKYLMWNATPSEEPGFN
LTLADLDWDASPGNDSLGDELLQLFPAPLLAGVTATCVALFVVGIAGNLLTMLVVSRFRELRTTTNLYLSSMAFSDLLIF
LCMPLDLVRLWQYRPWNFGDLLCKLFQFVSESCTYATVLTITALSVERYFAICFPLRAKVVVTKGRVKLVIFVIWAVAFC
SAGPIFVLVGVEHENGTDPWDTNECRPTEFAVRSGLLTVMVWVSSIFFFLPVFCLTVLYSLIGRKLWRRRRGDAVVGASL
RDQNHKQTVKMLAVVVFAFILCWLPFHVGRYLFSKSFEPGSLEIAQISQYCNLVSFVLFYLSAAINPILYNIMSKKYRVA
VFRLLGFEPFSQRKLSTLKDESSRAWTESSINTGSAGSVFTLEDFVGDWEQTAAYNLDQVLEQGGVSSLLQNLAVSVTPI
QRIVRSGENALKIDIHVIIPYEGLSADQMAQIEEVFKVVYPVDDHHFKVILPYGTLVIDGVTPNMLNYFGRPYEGIAVFD
GKKITVTGTLWNGNKIIDERLITPDGSMLFRVTINS
;
R
6 'polypeptide(L)'
;LLVNQSHQGFNKEHTSKMVSAIVLYVLLAAAAHSAFAVQLVESGGGLVQPGGSRKLSCSASGFAFSSFGMHWVRQAPEKG
LEWVAYISSGSGTIYYADTVKGRFTISRDDPKNTLFLQMTSLRSEDTAMYYCVRSIYYYGSSPFDFWGQGTTLTVSAGGG
GSGGGGSGGGGSADIVMTQATSSVPVTPGESVSISCRSSKSLLHSNGNTYLYWFLQRPGQSPQLLIYRMSNLASGVPDRF
SGSGSGTAFTLTISRLEAEDVGVYYCMQHLEYPLTFGAGTKLELVDENLYFQGASHHHHHHHH
;
S
#
# COMPACT_ATOMS: atom_id res chain seq x y z
N GLU A 9 23.25 -18.88 4.04
CA GLU A 9 22.22 -19.77 4.65
C GLU A 9 20.84 -19.14 4.53
N ASP A 10 19.88 -19.93 4.05
CA ASP A 10 18.51 -19.43 3.88
C ASP A 10 17.87 -19.10 5.22
N LYS A 11 18.21 -19.84 6.27
CA LYS A 11 17.61 -19.60 7.57
C LYS A 11 17.99 -18.23 8.11
N ALA A 12 19.24 -17.82 7.91
CA ALA A 12 19.66 -16.50 8.33
C ALA A 12 18.92 -15.41 7.55
N ALA A 13 18.69 -15.63 6.25
CA ALA A 13 17.91 -14.70 5.47
C ALA A 13 16.47 -14.60 5.98
N VAL A 14 15.87 -15.73 6.34
CA VAL A 14 14.52 -15.70 6.89
C VAL A 14 14.50 -14.96 8.22
N GLU A 15 15.54 -15.15 9.04
CA GLU A 15 15.61 -14.41 10.30
C GLU A 15 15.71 -12.91 10.06
N ARG A 16 16.48 -12.46 9.06
CA ARG A 16 16.54 -11.06 8.69
C ARG A 16 15.20 -10.61 8.22
N SER A 17 14.49 -11.38 7.46
CA SER A 17 13.14 -10.99 7.04
C SER A 17 12.23 -10.80 8.25
N LYS A 18 12.33 -11.69 9.23
CA LYS A 18 11.49 -11.58 10.43
C LYS A 18 11.82 -10.32 11.21
N MET A 19 13.11 -9.97 11.32
CA MET A 19 13.46 -8.73 12.00
C MET A 19 12.92 -7.52 11.25
N ILE A 20 13.02 -7.53 9.91
CA ILE A 20 12.43 -6.45 9.12
C ILE A 20 10.94 -6.35 9.43
N GLU A 21 10.27 -7.50 9.52
CA GLU A 21 8.83 -7.49 9.78
C GLU A 21 8.50 -6.94 11.16
N LYS A 22 9.34 -7.24 12.16
CA LYS A 22 9.13 -6.66 13.49
C LYS A 22 9.22 -5.15 13.43
N GLN A 23 10.25 -4.63 12.76
CA GLN A 23 10.36 -3.18 12.62
C GLN A 23 9.16 -2.63 11.87
N LEU A 24 8.67 -3.35 10.87
CA LEU A 24 7.50 -2.91 10.12
C LEU A 24 6.26 -2.89 11.00
N GLN A 25 6.15 -3.81 11.95
CA GLN A 25 5.01 -3.79 12.88
C GLN A 25 5.07 -2.57 13.79
N LYS A 26 6.26 -2.23 14.28
CA LYS A 26 6.40 -1.00 15.05
C LYS A 26 5.98 0.21 14.23
N ASP A 27 6.48 0.28 12.99
CA ASP A 27 6.09 1.38 12.11
C ASP A 27 4.60 1.38 11.84
N LYS A 28 3.98 0.20 11.76
CA LYS A 28 2.54 0.12 11.56
C LYS A 28 1.80 0.72 12.73
N GLN A 29 2.22 0.42 13.95
CA GLN A 29 1.60 1.04 15.11
C GLN A 29 1.68 2.57 15.01
N VAL A 30 2.88 3.08 14.79
CA VAL A 30 3.05 4.54 14.73
C VAL A 30 2.21 5.13 13.61
N TYR A 31 2.19 4.46 12.45
CA TYR A 31 1.44 4.96 11.31
C TYR A 31 -0.05 4.98 11.57
N ARG A 32 -0.58 3.92 12.19
CA ARG A 32 -2.02 3.85 12.43
C ARG A 32 -2.47 4.88 13.46
N ARG A 33 -1.64 5.15 14.48
CA ARG A 33 -2.08 6.06 15.53
C ARG A 33 -1.94 7.53 15.17
N THR A 34 -1.37 7.85 14.01
CA THR A 34 -1.21 9.24 13.61
C THR A 34 -2.22 9.60 12.52
N LEU A 35 -2.75 10.82 12.60
CA LEU A 35 -3.79 11.29 11.71
C LEU A 35 -3.21 12.23 10.67
N ARG A 36 -3.45 11.93 9.40
CA ARG A 36 -2.91 12.73 8.29
C ARG A 36 -4.01 13.59 7.69
N LEU A 37 -3.69 14.87 7.48
CA LEU A 37 -4.61 15.86 6.94
C LEU A 37 -3.99 16.50 5.71
N LEU A 38 -4.82 16.82 4.73
CA LEU A 38 -4.36 17.55 3.54
C LEU A 38 -4.92 18.96 3.58
N LEU A 39 -4.04 19.96 3.62
CA LEU A 39 -4.46 21.35 3.68
C LEU A 39 -4.53 21.92 2.26
N LEU A 40 -5.71 22.37 1.86
CA LEU A 40 -5.95 22.94 0.54
C LEU A 40 -6.50 24.35 0.68
N GLY A 41 -6.23 25.16 -0.33
CA GLY A 41 -6.72 26.53 -0.35
C GLY A 41 -6.13 27.33 -1.48
N ALA A 42 -6.76 28.45 -1.81
CA ALA A 42 -6.24 29.32 -2.86
C ALA A 42 -5.19 30.28 -2.31
N ASP A 43 -4.70 31.16 -3.18
CA ASP A 43 -3.68 32.11 -2.76
C ASP A 43 -4.22 33.06 -1.71
N ASN A 44 -5.44 33.58 -1.92
CA ASN A 44 -6.02 34.57 -1.03
C ASN A 44 -6.39 34.00 0.32
N SER A 45 -6.66 32.70 0.41
CA SER A 45 -6.98 32.09 1.69
C SER A 45 -5.78 32.18 2.63
N GLY A 46 -6.06 32.24 3.93
CA GLY A 46 -5.02 32.38 4.92
C GLY A 46 -4.50 31.05 5.43
N LYS A 47 -4.42 30.05 4.55
CA LYS A 47 -3.97 28.73 4.98
C LYS A 47 -2.53 28.77 5.49
N SER A 48 -1.72 29.69 4.94
CA SER A 48 -0.36 29.84 5.45
C SER A 48 -0.38 30.29 6.91
N THR A 49 -1.25 31.24 7.25
CA THR A 49 -1.36 31.69 8.63
C THR A 49 -1.94 30.61 9.52
N ILE A 50 -2.86 29.81 8.98
CA ILE A 50 -3.40 28.69 9.76
C ILE A 50 -2.28 27.70 10.09
N VAL A 51 -1.41 27.43 9.10
CA VAL A 51 -0.26 26.57 9.35
C VAL A 51 0.62 27.19 10.42
N LYS A 52 0.87 28.50 10.32
CA LYS A 52 1.73 29.18 11.26
C LYS A 52 1.14 29.22 12.67
N GLN A 53 -0.18 29.10 12.81
CA GLN A 53 -0.81 29.05 14.12
C GLN A 53 -1.05 27.64 14.63
N MET A 54 -0.59 26.62 13.89
CA MET A 54 -0.70 25.23 14.34
C MET A 54 0.55 24.75 15.05
N ARG A 55 1.53 25.62 15.29
CA ARG A 55 2.78 25.21 15.90
C ARG A 55 2.54 24.56 17.26
N ILE A 56 3.02 23.34 17.40
CA ILE A 56 2.82 22.54 18.61
C ILE A 56 1.37 22.64 19.06
N THR A 182 12.48 24.70 -3.41
CA THR A 182 11.91 24.01 -4.56
C THR A 182 11.22 22.71 -4.15
N SER A 183 10.96 22.57 -2.86
CA SER A 183 10.31 21.37 -2.35
C SER A 183 8.82 21.39 -2.71
N GLY A 184 8.31 20.22 -3.12
CA GLY A 184 6.95 20.11 -3.60
C GLY A 184 5.91 19.77 -2.56
N ILE A 185 6.29 19.69 -1.28
CA ILE A 185 5.35 19.35 -0.23
C ILE A 185 5.95 19.78 1.10
N PHE A 186 5.11 20.34 1.98
CA PHE A 186 5.50 20.75 3.31
C PHE A 186 4.66 19.98 4.33
N GLU A 187 5.31 19.57 5.41
CA GLU A 187 4.63 18.86 6.49
C GLU A 187 4.71 19.69 7.76
N THR A 188 3.58 19.84 8.45
CA THR A 188 3.51 20.45 9.76
C THR A 188 2.91 19.42 10.70
N LYS A 189 3.66 19.01 11.71
CA LYS A 189 3.22 18.00 12.65
C LYS A 189 2.95 18.64 14.00
N PHE A 190 1.71 18.54 14.45
CA PHE A 190 1.30 19.10 15.72
C PHE A 190 0.58 18.03 16.53
N GLN A 191 0.23 18.38 17.77
CA GLN A 191 -0.34 17.42 18.71
C GLN A 191 -1.46 18.09 19.48
N VAL A 192 -2.59 17.39 19.62
CA VAL A 192 -3.72 17.86 20.40
C VAL A 192 -4.16 16.73 21.32
N ASP A 193 -4.21 17.01 22.62
CA ASP A 193 -4.60 16.00 23.61
C ASP A 193 -3.86 14.69 23.37
N LYS A 194 -2.57 14.79 23.09
CA LYS A 194 -1.68 13.62 22.96
C LYS A 194 -2.04 12.74 21.77
N VAL A 195 -2.66 13.33 20.72
CA VAL A 195 -2.95 12.60 19.46
C VAL A 195 -2.18 13.42 18.44
N ASN A 196 -1.49 12.81 17.48
CA ASN A 196 -0.57 13.46 16.56
C ASN A 196 -1.22 13.65 15.19
N PHE A 197 -1.11 14.86 14.66
CA PHE A 197 -1.58 15.20 13.34
C PHE A 197 -0.41 15.63 12.46
N HIS A 198 -0.34 15.06 11.26
CA HIS A 198 0.56 15.51 10.22
C HIS A 198 -0.26 16.16 9.12
N MET A 199 -0.05 17.46 8.90
CA MET A 199 -0.80 18.23 7.93
C MET A 199 0.11 18.57 6.75
N PHE A 200 -0.33 18.25 5.54
CA PHE A 200 0.50 18.36 4.35
C PHE A 200 -0.04 19.44 3.43
N ASP A 201 0.85 20.33 3.00
CA ASP A 201 0.50 21.46 2.14
C ASP A 201 1.42 21.46 0.94
N VAL A 202 0.84 21.41 -0.27
CA VAL A 202 1.66 21.33 -1.47
C VAL A 202 2.49 22.59 -1.61
N GLY A 203 3.76 22.42 -1.95
CA GLY A 203 4.66 23.53 -2.18
C GLY A 203 4.82 23.85 -3.65
N ALA A 204 5.98 23.53 -4.21
CA ALA A 204 6.27 23.83 -5.61
C ALA A 204 5.56 22.81 -6.49
N GLN A 205 4.31 23.11 -6.85
CA GLN A 205 3.54 22.28 -7.77
C GLN A 205 2.86 23.20 -8.77
N ARG A 206 2.60 22.66 -9.95
CA ARG A 206 1.81 23.41 -10.93
C ARG A 206 0.35 23.42 -10.51
N ASP A 207 -0.44 24.28 -11.17
CA ASP A 207 -1.84 24.43 -10.79
C ASP A 207 -2.72 23.31 -11.31
N GLU A 208 -2.19 22.39 -12.11
CA GLU A 208 -2.93 21.22 -12.56
C GLU A 208 -2.77 20.14 -11.51
N ARG A 209 -3.83 19.91 -10.74
CA ARG A 209 -3.76 19.05 -9.55
C ARG A 209 -4.44 17.70 -9.74
N ARG A 210 -4.92 17.37 -10.94
CA ARG A 210 -5.75 16.18 -11.08
C ARG A 210 -4.94 14.90 -10.92
N LYS A 211 -3.61 14.98 -10.85
CA LYS A 211 -2.79 13.78 -10.70
C LYS A 211 -2.19 13.64 -9.32
N TRP A 212 -1.58 14.70 -8.78
CA TRP A 212 -0.95 14.57 -7.46
C TRP A 212 -1.98 14.54 -6.35
N ILE A 213 -3.18 15.10 -6.59
CA ILE A 213 -4.23 15.02 -5.59
C ILE A 213 -4.57 13.57 -5.28
N GLN A 214 -4.45 12.69 -6.27
CA GLN A 214 -4.74 11.27 -6.04
C GLN A 214 -3.87 10.68 -4.95
N CYS A 215 -2.72 11.28 -4.68
CA CYS A 215 -1.84 10.74 -3.64
C CYS A 215 -2.49 10.81 -2.27
N PHE A 216 -3.53 11.63 -2.12
CA PHE A 216 -4.15 11.85 -0.82
C PHE A 216 -5.51 11.20 -0.70
N ASN A 217 -5.69 10.00 -1.24
CA ASN A 217 -6.96 9.29 -1.13
C ASN A 217 -7.13 8.55 0.18
N ASP A 218 -6.14 8.62 1.08
CA ASP A 218 -6.16 7.86 2.32
C ASP A 218 -6.03 8.74 3.56
N VAL A 219 -5.89 10.06 3.39
CA VAL A 219 -5.81 10.94 4.55
C VAL A 219 -7.12 10.89 5.32
N THR A 220 -7.08 11.30 6.58
CA THR A 220 -8.28 11.30 7.41
C THR A 220 -9.21 12.45 7.05
N ALA A 221 -8.65 13.62 6.71
CA ALA A 221 -9.48 14.77 6.38
C ALA A 221 -8.74 15.70 5.44
N ILE A 222 -9.52 16.46 4.68
CA ILE A 222 -9.01 17.55 3.86
C ILE A 222 -9.47 18.86 4.49
N ILE A 223 -8.54 19.64 5.00
CA ILE A 223 -8.84 20.96 5.54
C ILE A 223 -8.85 21.92 4.35
N PHE A 224 -10.05 22.27 3.90
CA PHE A 224 -10.22 23.19 2.77
C PHE A 224 -10.48 24.58 3.32
N VAL A 225 -9.57 25.51 3.03
CA VAL A 225 -9.66 26.87 3.53
C VAL A 225 -10.11 27.77 2.39
N VAL A 226 -11.14 28.59 2.64
CA VAL A 226 -11.72 29.47 1.64
C VAL A 226 -11.84 30.87 2.20
N ASP A 227 -11.42 31.86 1.41
CA ASP A 227 -11.53 33.26 1.81
C ASP A 227 -12.93 33.78 1.51
N SER A 228 -13.52 34.47 2.48
CA SER A 228 -14.83 35.11 2.30
C SER A 228 -14.60 36.48 1.69
N SER A 229 -14.69 36.56 0.37
CA SER A 229 -14.29 37.76 -0.38
C SER A 229 -15.38 38.18 -1.35
N ASP A 230 -16.62 38.23 -0.87
CA ASP A 230 -17.75 38.61 -1.71
C ASP A 230 -17.46 39.85 -2.53
N ASN A 232 -14.12 38.56 -7.42
CA ASN A 232 -14.70 37.61 -6.48
C ASN A 232 -14.23 36.18 -6.74
N ARG A 233 -13.56 35.62 -5.75
CA ARG A 233 -12.99 34.28 -5.83
C ARG A 233 -13.92 33.21 -5.26
N LEU A 234 -15.08 33.59 -4.73
CA LEU A 234 -15.93 32.62 -4.03
C LEU A 234 -16.39 31.51 -4.97
N GLN A 235 -16.78 31.86 -6.21
CA GLN A 235 -17.23 30.84 -7.14
C GLN A 235 -16.08 29.90 -7.51
N GLU A 236 -14.87 30.44 -7.66
CA GLU A 236 -13.71 29.60 -7.92
C GLU A 236 -13.49 28.61 -6.79
N ALA A 237 -13.62 29.07 -5.55
CA ALA A 237 -13.48 28.18 -4.40
C ALA A 237 -14.59 27.15 -4.37
N LEU A 238 -15.81 27.55 -4.71
CA LEU A 238 -16.92 26.60 -4.78
C LEU A 238 -16.62 25.50 -5.79
N ASN A 239 -16.06 25.87 -6.94
CA ASN A 239 -15.73 24.88 -7.95
C ASN A 239 -14.61 23.97 -7.47
N ASP A 240 -13.60 24.54 -6.80
CA ASP A 240 -12.54 23.73 -6.21
C ASP A 240 -13.11 22.71 -5.24
N PHE A 241 -14.01 23.16 -4.35
CA PHE A 241 -14.61 22.27 -3.38
C PHE A 241 -15.44 21.20 -4.06
N LYS A 242 -16.19 21.58 -5.11
CA LYS A 242 -17.01 20.60 -5.81
C LYS A 242 -16.16 19.52 -6.45
N SER A 243 -15.05 19.91 -7.09
CA SER A 243 -14.16 18.93 -7.70
C SER A 243 -13.54 18.02 -6.65
N ILE A 244 -13.11 18.60 -5.52
CA ILE A 244 -12.55 17.78 -4.44
C ILE A 244 -13.59 16.82 -3.90
N TRP A 245 -14.85 17.28 -3.81
CA TRP A 245 -15.90 16.48 -3.21
C TRP A 245 -16.28 15.30 -4.10
N ASN A 246 -16.42 15.54 -5.40
CA ASN A 246 -16.94 14.52 -6.29
C ASN A 246 -15.85 13.68 -6.94
N ASN A 247 -14.58 13.90 -6.60
CA ASN A 247 -13.50 13.14 -7.21
C ASN A 247 -13.61 11.67 -6.82
N ARG A 248 -13.29 10.78 -7.76
CA ARG A 248 -13.45 9.36 -7.52
C ARG A 248 -12.60 8.87 -6.36
N TRP A 249 -11.36 9.37 -6.26
CA TRP A 249 -10.43 8.89 -5.25
C TRP A 249 -10.54 9.63 -3.92
N LEU A 250 -11.14 10.82 -3.93
CA LEU A 250 -11.39 11.57 -2.71
C LEU A 250 -12.83 11.45 -2.24
N ARG A 251 -13.61 10.54 -2.82
CA ARG A 251 -15.05 10.46 -2.54
C ARG A 251 -15.37 9.89 -1.17
N THR A 252 -14.38 9.41 -0.43
CA THR A 252 -14.61 8.92 0.93
C THR A 252 -13.85 9.72 1.98
N ILE A 253 -13.34 10.90 1.62
CA ILE A 253 -12.56 11.74 2.53
C ILE A 253 -13.45 12.87 3.01
N SER A 254 -13.54 13.03 4.32
CA SER A 254 -14.30 14.12 4.90
C SER A 254 -13.51 15.43 4.75
N VAL A 255 -14.25 16.53 4.62
CA VAL A 255 -13.68 17.85 4.41
C VAL A 255 -14.00 18.72 5.62
N ILE A 256 -12.97 19.25 6.25
CA ILE A 256 -13.12 20.28 7.27
C ILE A 256 -12.99 21.62 6.57
N LEU A 257 -14.09 22.36 6.49
CA LEU A 257 -14.16 23.57 5.68
C LEU A 257 -14.00 24.79 6.58
N PHE A 258 -12.93 25.54 6.39
CA PHE A 258 -12.66 26.77 7.12
C PHE A 258 -13.07 27.94 6.22
N LEU A 259 -14.23 28.53 6.53
CA LEU A 259 -14.62 29.81 5.93
C LEU A 259 -13.79 30.89 6.62
N ASN A 260 -12.54 31.01 6.18
CA ASN A 260 -11.56 31.85 6.84
C ASN A 260 -11.88 33.32 6.64
N LYS A 261 -11.18 34.16 7.40
CA LYS A 261 -11.25 35.61 7.26
C LYS A 261 -12.68 36.12 7.45
N GLN A 262 -13.27 35.78 8.61
CA GLN A 262 -14.62 36.23 8.90
C GLN A 262 -14.65 37.70 9.31
N ASP A 263 -13.57 38.20 9.91
CA ASP A 263 -13.52 39.62 10.23
C ASP A 263 -13.56 40.47 8.98
N LEU A 264 -12.82 40.06 7.94
CA LEU A 264 -12.88 40.77 6.67
C LEU A 264 -14.27 40.70 6.06
N LEU A 265 -14.94 39.55 6.17
CA LEU A 265 -16.30 39.44 5.66
C LEU A 265 -17.23 40.40 6.40
N ALA A 266 -17.10 40.48 7.71
CA ALA A 266 -17.93 41.38 8.50
C ALA A 266 -17.69 42.83 8.09
N GLU A 267 -16.42 43.21 7.92
CA GLU A 267 -16.10 44.56 7.51
C GLU A 267 -16.67 44.87 6.13
N LYS A 268 -16.52 43.94 5.19
CA LYS A 268 -17.01 44.17 3.83
C LYS A 268 -18.53 44.27 3.79
N VAL A 269 -19.22 43.48 4.62
CA VAL A 269 -20.68 43.55 4.66
C VAL A 269 -21.12 44.87 5.30
N LEU A 270 -20.49 45.25 6.40
CA LEU A 270 -20.89 46.48 7.09
C LEU A 270 -20.62 47.71 6.23
N ALA A 271 -19.53 47.71 5.47
CA ALA A 271 -19.23 48.86 4.61
C ALA A 271 -20.34 49.09 3.58
N GLY A 272 -20.88 48.02 3.03
CA GLY A 272 -21.96 48.12 2.06
C GLY A 272 -21.51 48.48 0.65
N LYS A 273 -20.21 48.63 0.41
CA LYS A 273 -19.73 49.01 -0.91
C LYS A 273 -19.81 47.86 -1.91
N SER A 274 -19.70 46.62 -1.44
CA SER A 274 -19.76 45.44 -2.30
C SER A 274 -20.96 44.60 -1.88
N LYS A 275 -21.71 44.12 -2.87
CA LYS A 275 -22.96 43.40 -2.63
C LYS A 275 -22.82 41.97 -3.12
N ILE A 276 -23.21 41.01 -2.28
CA ILE A 276 -23.15 39.61 -2.66
C ILE A 276 -24.07 39.32 -3.82
N GLU A 277 -25.14 40.11 -3.98
CA GLU A 277 -26.10 39.82 -5.05
C GLU A 277 -25.45 39.96 -6.42
N ASP A 278 -24.40 40.78 -6.53
CA ASP A 278 -23.73 40.92 -7.82
C ASP A 278 -23.16 39.60 -8.31
N TYR A 279 -22.64 38.77 -7.39
CA TYR A 279 -22.04 37.50 -7.75
C TYR A 279 -22.92 36.30 -7.43
N PHE A 280 -23.84 36.44 -6.47
CA PHE A 280 -24.79 35.39 -6.14
C PHE A 280 -26.18 36.01 -6.08
N PRO A 281 -26.85 36.12 -7.23
CA PRO A 281 -28.19 36.74 -7.22
C PRO A 281 -29.18 36.03 -6.33
N GLU A 282 -29.00 34.72 -6.08
CA GLU A 282 -29.90 34.01 -5.20
C GLU A 282 -29.87 34.58 -3.78
N PHE A 283 -28.79 35.29 -3.43
CA PHE A 283 -28.71 35.92 -2.13
C PHE A 283 -29.78 37.00 -1.95
N ALA A 284 -30.38 37.49 -3.04
CA ALA A 284 -31.47 38.44 -2.90
C ALA A 284 -32.67 37.84 -2.19
N ARG A 285 -32.86 36.53 -2.33
CA ARG A 285 -33.99 35.83 -1.73
C ARG A 285 -33.66 35.19 -0.39
N TYR A 286 -32.40 35.21 0.02
CA TYR A 286 -31.99 34.47 1.20
C TYR A 286 -32.34 35.22 2.49
N THR A 287 -32.73 34.46 3.50
CA THR A 287 -32.92 34.99 4.85
C THR A 287 -32.39 33.97 5.85
N THR A 288 -31.89 34.48 6.97
CA THR A 288 -31.23 33.62 7.94
C THR A 288 -32.22 32.58 8.48
N PRO A 289 -31.85 31.30 8.51
CA PRO A 289 -32.74 30.31 9.15
C PRO A 289 -32.90 30.59 10.63
N GLU A 290 -34.06 30.26 11.17
CA GLU A 290 -34.33 30.52 12.58
C GLU A 290 -33.38 29.74 13.48
N ASP A 291 -33.09 28.48 13.14
CA ASP A 291 -32.23 27.65 13.97
C ASP A 291 -30.78 28.10 13.98
N ALA A 292 -30.40 29.02 13.09
CA ALA A 292 -29.00 29.43 12.99
C ALA A 292 -28.52 30.06 14.29
N THR A 293 -27.31 29.68 14.71
CA THR A 293 -26.72 30.25 15.92
C THR A 293 -26.46 31.73 15.71
N PRO A 294 -26.87 32.60 16.64
CA PRO A 294 -26.68 34.04 16.42
C PRO A 294 -25.26 34.54 16.63
N GLU A 295 -24.47 33.88 17.48
CA GLU A 295 -23.14 34.41 17.82
C GLU A 295 -23.32 35.84 18.29
N PRO A 296 -23.85 36.05 19.50
CA PRO A 296 -24.28 37.39 19.91
C PRO A 296 -23.20 38.45 19.70
N GLY A 297 -23.64 39.71 19.68
CA GLY A 297 -22.77 40.81 19.32
C GLY A 297 -22.54 40.96 17.83
N GLU A 298 -23.35 40.30 17.01
CA GLU A 298 -23.13 40.20 15.58
C GLU A 298 -24.32 40.78 14.83
N ASP A 299 -24.04 41.58 13.81
CA ASP A 299 -25.11 42.22 13.04
C ASP A 299 -25.89 41.17 12.26
N PRO A 300 -27.20 41.34 12.09
CA PRO A 300 -27.95 40.40 11.25
C PRO A 300 -27.45 40.31 9.81
N ARG A 301 -26.92 41.41 9.27
CA ARG A 301 -26.46 41.39 7.87
C ARG A 301 -25.27 40.45 7.70
N VAL A 302 -24.27 40.55 8.58
CA VAL A 302 -23.11 39.68 8.47
C VAL A 302 -23.51 38.23 8.73
N THR A 303 -24.46 38.01 9.64
CA THR A 303 -24.97 36.66 9.87
C THR A 303 -25.60 36.10 8.61
N ARG A 304 -26.43 36.88 7.95
CA ARG A 304 -27.06 36.43 6.71
C ARG A 304 -26.00 36.09 5.67
N ALA A 305 -25.02 36.97 5.50
CA ALA A 305 -23.98 36.75 4.51
C ALA A 305 -23.20 35.48 4.80
N LYS A 306 -22.74 35.32 6.04
CA LYS A 306 -21.90 34.19 6.39
C LYS A 306 -22.68 32.88 6.30
N TYR A 307 -23.94 32.87 6.70
CA TYR A 307 -24.71 31.64 6.62
C TYR A 307 -25.07 31.30 5.18
N PHE A 308 -25.28 32.29 4.32
CA PHE A 308 -25.46 32.01 2.90
C PHE A 308 -24.19 31.40 2.31
N ILE A 309 -23.03 31.96 2.67
CA ILE A 309 -21.77 31.44 2.15
C ILE A 309 -21.56 30.01 2.62
N ARG A 310 -21.85 29.73 3.89
CA ARG A 310 -21.77 28.36 4.39
C ARG A 310 -22.74 27.45 3.66
N LYS A 311 -23.96 27.94 3.40
CA LYS A 311 -24.97 27.11 2.76
C LYS A 311 -24.56 26.72 1.35
N GLU A 312 -23.83 27.59 0.65
CA GLU A 312 -23.36 27.22 -0.68
C GLU A 312 -22.52 25.94 -0.62
N PHE A 313 -21.49 25.93 0.24
CA PHE A 313 -20.62 24.77 0.35
C PHE A 313 -21.39 23.56 0.89
N VAL A 314 -22.28 23.78 1.86
CA VAL A 314 -23.03 22.65 2.41
C VAL A 314 -23.97 22.06 1.38
N ASP A 315 -24.54 22.89 0.51
CA ASP A 315 -25.36 22.39 -0.58
C ASP A 315 -24.53 21.56 -1.53
N ILE A 316 -23.33 22.02 -1.86
CA ILE A 316 -22.44 21.20 -2.70
C ILE A 316 -22.18 19.86 -2.03
N SER A 317 -21.92 19.88 -0.72
CA SER A 317 -21.53 18.66 -0.02
C SER A 317 -22.70 17.68 0.11
N THR A 318 -23.92 18.18 0.29
CA THR A 318 -25.09 17.34 0.44
C THR A 318 -25.72 16.94 -0.88
N ALA A 319 -25.34 17.58 -1.99
CA ALA A 319 -25.90 17.23 -3.29
C ALA A 319 -25.56 15.80 -3.69
N SER A 320 -24.47 15.24 -3.17
CA SER A 320 -24.09 13.88 -3.53
C SER A 320 -25.13 12.86 -3.08
N GLY A 321 -25.69 13.03 -1.89
CA GLY A 321 -26.68 12.08 -1.39
C GLY A 321 -26.16 10.69 -1.15
N ASP A 322 -24.97 10.57 -0.53
CA ASP A 322 -24.36 9.28 -0.28
C ASP A 322 -24.06 9.06 1.20
N GLY A 323 -23.60 10.10 1.90
CA GLY A 323 -23.24 9.92 3.30
C GLY A 323 -21.91 9.24 3.52
N ARG A 324 -21.19 8.93 2.44
CA ARG A 324 -19.87 8.30 2.60
C ARG A 324 -18.92 9.21 3.36
N HIS A 325 -19.14 10.53 3.28
CA HIS A 325 -18.26 11.50 3.93
C HIS A 325 -19.08 12.74 4.24
N ILE A 326 -18.57 13.54 5.18
CA ILE A 326 -19.29 14.68 5.72
C ILE A 326 -18.42 15.91 5.55
N CYS A 327 -19.06 17.07 5.38
CA CYS A 327 -18.38 18.35 5.41
C CYS A 327 -18.64 19.01 6.74
N TYR A 328 -17.58 19.52 7.37
CA TYR A 328 -17.65 20.14 8.69
C TYR A 328 -17.30 21.62 8.55
N PRO A 329 -18.27 22.48 8.25
CA PRO A 329 -17.96 23.90 8.07
C PRO A 329 -17.65 24.59 9.38
N HIS A 330 -16.76 25.59 9.31
CA HIS A 330 -16.40 26.40 10.45
C HIS A 330 -16.20 27.84 10.00
N PHE A 331 -16.73 28.78 10.78
CA PHE A 331 -16.41 30.19 10.60
C PHE A 331 -15.17 30.51 11.41
N THR A 332 -14.04 30.72 10.73
CA THR A 332 -12.77 30.90 11.40
C THR A 332 -12.09 32.16 10.89
N CYS A 333 -11.19 32.68 11.73
CA CYS A 333 -10.21 33.68 11.35
C CYS A 333 -8.83 33.13 11.67
N SER A 334 -7.84 33.51 10.86
CA SER A 334 -6.51 32.95 11.05
C SER A 334 -5.98 33.19 12.46
N VAL A 335 -6.48 34.23 13.13
CA VAL A 335 -6.09 34.50 14.50
C VAL A 335 -6.63 33.43 15.45
N ASP A 336 -7.71 32.77 15.07
CA ASP A 336 -8.39 31.82 15.95
C ASP A 336 -7.42 30.80 16.55
N THR A 337 -7.30 30.81 17.88
CA THR A 337 -6.54 29.76 18.55
C THR A 337 -7.35 28.47 18.65
N GLU A 338 -8.64 28.53 18.32
CA GLU A 338 -9.50 27.36 18.42
C GLU A 338 -9.30 26.41 17.24
N ASN A 339 -8.66 26.89 16.16
CA ASN A 339 -8.63 26.11 14.93
C ASN A 339 -8.15 24.69 15.17
N ALA A 340 -7.00 24.53 15.85
CA ALA A 340 -6.51 23.18 16.11
C ALA A 340 -7.57 22.34 16.78
N ARG A 341 -8.16 22.84 17.87
CA ARG A 341 -9.21 22.08 18.55
C ARG A 341 -10.32 21.70 17.58
N ARG A 342 -10.75 22.64 16.73
CA ARG A 342 -11.78 22.30 15.76
C ARG A 342 -11.40 21.05 14.99
N ILE A 343 -10.20 21.03 14.42
CA ILE A 343 -9.77 19.88 13.64
C ILE A 343 -9.89 18.62 14.50
N PHE A 344 -9.37 18.69 15.73
CA PHE A 344 -9.46 17.54 16.62
C PHE A 344 -10.90 17.07 16.76
N ASN A 345 -11.80 18.00 17.10
CA ASN A 345 -13.19 17.60 17.32
C ASN A 345 -13.80 17.03 16.05
N ASP A 346 -13.34 17.49 14.89
CA ASP A 346 -13.81 16.91 13.65
C ASP A 346 -13.20 15.54 13.41
N CYS A 347 -11.90 15.38 13.67
CA CYS A 347 -11.29 14.07 13.50
C CYS A 347 -11.94 13.05 14.40
N LYS A 348 -12.19 13.40 15.67
CA LYS A 348 -12.93 12.52 16.56
C LYS A 348 -14.18 12.01 15.88
N ASP A 349 -14.92 12.89 15.20
CA ASP A 349 -16.13 12.46 14.52
C ASP A 349 -15.79 11.53 13.35
N ILE A 350 -14.84 11.94 12.52
CA ILE A 350 -14.51 11.15 11.33
C ILE A 350 -14.10 9.75 11.75
N ILE A 351 -13.16 9.65 12.69
CA ILE A 351 -12.74 8.35 13.18
C ILE A 351 -13.93 7.61 13.77
N LEU A 352 -14.78 8.31 14.53
CA LEU A 352 -15.97 7.66 15.07
C LEU A 352 -16.77 7.01 13.95
N GLN A 353 -16.96 7.72 12.84
CA GLN A 353 -17.75 7.19 11.75
C GLN A 353 -17.11 5.93 11.18
N MET A 354 -15.78 5.86 11.20
CA MET A 354 -15.10 4.64 10.78
C MET A 354 -15.32 3.52 11.80
N ASN A 355 -15.21 3.85 13.08
CA ASN A 355 -15.38 2.83 14.11
C ASN A 355 -16.75 2.20 14.04
N LEU A 356 -17.79 3.01 13.76
CA LEU A 356 -19.13 2.47 13.60
C LEU A 356 -19.15 1.31 12.61
N ARG A 357 -18.33 1.38 11.57
CA ARG A 357 -18.25 0.29 10.59
C ARG A 357 -17.24 -0.76 10.99
N GLU A 358 -16.16 -0.36 11.68
CA GLU A 358 -15.11 -1.32 12.00
C GLU A 358 -15.50 -2.24 13.15
N TYR A 359 -16.40 -1.78 14.03
CA TYR A 359 -16.83 -2.57 15.17
C TYR A 359 -18.24 -3.13 14.99
N ASN A 360 -18.67 -3.30 13.74
CA ASN A 360 -19.92 -3.97 13.41
C ASN A 360 -21.14 -3.28 14.00
N LEU A 361 -21.05 -1.97 14.26
CA LEU A 361 -22.20 -1.23 14.77
C LEU A 361 -23.09 -0.68 13.67
N VAL A 362 -22.67 -0.76 12.41
CA VAL A 362 -23.56 -0.46 11.28
C VAL A 362 -23.21 -1.36 10.11
N GLU B 8 5.60 36.95 -36.27
CA GLU B 8 4.22 37.37 -35.95
C GLU B 8 3.41 36.17 -35.47
N LEU B 9 2.66 36.36 -34.38
CA LEU B 9 2.03 35.23 -33.70
C LEU B 9 1.07 34.49 -34.61
N ASP B 10 0.20 35.23 -35.31
CA ASP B 10 -0.78 34.59 -36.18
C ASP B 10 -0.10 33.87 -37.34
N GLN B 11 0.94 34.47 -37.90
CA GLN B 11 1.69 33.84 -38.98
C GLN B 11 2.30 32.52 -38.51
N LEU B 12 2.87 32.54 -37.31
CA LEU B 12 3.45 31.32 -36.76
C LEU B 12 2.38 30.27 -36.49
N ARG B 13 1.20 30.70 -36.06
CA ARG B 13 0.09 29.77 -35.89
C ARG B 13 -0.30 29.11 -37.22
N GLN B 14 -0.37 29.91 -38.28
CA GLN B 14 -0.66 29.34 -39.60
C GLN B 14 0.41 28.35 -40.02
N GLU B 15 1.67 28.68 -39.79
CA GLU B 15 2.75 27.77 -40.12
C GLU B 15 2.64 26.47 -39.32
N ALA B 16 2.31 26.59 -38.04
CA ALA B 16 2.16 25.41 -37.20
C ALA B 16 1.02 24.52 -37.71
N GLU B 17 -0.10 25.13 -38.07
CA GLU B 17 -1.22 24.35 -38.62
C GLU B 17 -0.82 23.67 -39.94
N GLN B 18 -0.10 24.40 -40.79
CA GLN B 18 0.32 23.83 -42.07
C GLN B 18 1.26 22.65 -41.85
N LEU B 19 2.21 22.78 -40.92
CA LEU B 19 3.12 21.69 -40.64
C LEU B 19 2.38 20.50 -40.01
N LYS B 20 1.40 20.77 -39.16
CA LYS B 20 0.60 19.70 -38.59
C LYS B 20 -0.14 18.94 -39.69
N ASN B 21 -0.73 19.67 -40.63
CA ASN B 21 -1.42 19.01 -41.75
C ASN B 21 -0.44 18.22 -42.60
N GLN B 22 0.75 18.77 -42.82
CA GLN B 22 1.77 18.05 -43.60
C GLN B 22 2.14 16.75 -42.92
N ILE B 23 2.35 16.78 -41.59
CA ILE B 23 2.70 15.56 -40.86
C ILE B 23 1.56 14.56 -40.92
N ARG B 24 0.33 15.05 -40.75
CA ARG B 24 -0.83 14.17 -40.80
C ARG B 24 -0.91 13.47 -42.15
N ASP B 25 -0.76 14.22 -43.24
CA ASP B 25 -0.83 13.63 -44.57
C ASP B 25 0.33 12.65 -44.80
N ALA B 26 1.53 13.02 -44.35
CA ALA B 26 2.70 12.17 -44.57
C ALA B 26 2.53 10.83 -43.86
N ARG B 27 1.99 10.86 -42.64
CA ARG B 27 1.83 9.61 -41.89
C ARG B 27 0.58 8.85 -42.33
N LYS B 28 -0.40 9.53 -42.92
CA LYS B 28 -1.55 8.82 -43.46
C LYS B 28 -1.21 8.13 -44.77
N ALA B 29 -0.29 8.70 -45.55
CA ALA B 29 0.14 8.03 -46.78
C ALA B 29 0.78 6.68 -46.48
N CYS B 30 1.50 6.58 -45.36
CA CYS B 30 2.16 5.32 -45.00
C CYS B 30 1.19 4.29 -44.47
N ALA B 31 -0.06 4.67 -44.16
CA ALA B 31 -1.04 3.75 -43.60
C ALA B 31 -1.68 2.91 -44.71
N ASP B 32 -0.82 2.21 -45.45
CA ASP B 32 -1.30 1.36 -46.54
C ASP B 32 -2.06 0.14 -46.04
N ALA B 33 -1.84 -0.25 -44.79
CA ALA B 33 -2.54 -1.39 -44.21
C ALA B 33 -2.65 -1.16 -42.70
N THR B 34 -3.25 -2.12 -42.01
CA THR B 34 -3.44 -2.05 -40.57
C THR B 34 -2.91 -3.33 -39.92
N LEU B 35 -2.36 -3.17 -38.71
CA LEU B 35 -1.86 -4.33 -37.97
C LEU B 35 -2.95 -5.39 -37.82
N SER B 36 -4.19 -4.97 -37.58
CA SER B 36 -5.27 -5.93 -37.44
C SER B 36 -5.47 -6.74 -38.71
N GLN B 37 -5.46 -6.08 -39.87
CA GLN B 37 -5.66 -6.78 -41.13
C GLN B 37 -4.53 -7.78 -41.38
N ILE B 38 -3.30 -7.38 -41.10
CA ILE B 38 -2.15 -8.23 -41.43
C ILE B 38 -2.08 -9.40 -40.45
N THR B 39 -2.52 -9.21 -39.22
CA THR B 39 -2.52 -10.28 -38.21
C THR B 39 -3.81 -11.10 -38.22
N ASN B 40 -4.75 -10.80 -39.12
CA ASN B 40 -6.05 -11.45 -39.06
C ASN B 40 -5.95 -12.96 -39.18
N ASN B 41 -4.93 -13.45 -39.90
CA ASN B 41 -4.77 -14.88 -40.12
C ASN B 41 -3.89 -15.58 -39.08
N ILE B 42 -3.35 -14.83 -38.12
CA ILE B 42 -2.47 -15.44 -37.11
C ILE B 42 -3.31 -16.17 -36.08
N ASP B 43 -2.82 -17.32 -35.63
CA ASP B 43 -3.57 -18.11 -34.68
C ASP B 43 -3.77 -17.35 -33.38
N PRO B 44 -4.99 -17.31 -32.85
CA PRO B 44 -5.22 -16.62 -31.57
C PRO B 44 -4.38 -17.23 -30.46
N VAL B 45 -3.96 -16.35 -29.54
CA VAL B 45 -3.19 -16.81 -28.38
C VAL B 45 -3.99 -17.76 -27.51
N GLY B 46 -5.32 -17.70 -27.60
CA GLY B 46 -6.17 -18.50 -26.73
C GLY B 46 -6.32 -17.85 -25.37
N ARG B 47 -7.17 -18.43 -24.55
CA ARG B 47 -7.35 -17.94 -23.19
C ARG B 47 -6.16 -18.36 -22.34
N ILE B 48 -5.44 -17.38 -21.82
CA ILE B 48 -4.27 -17.63 -20.97
C ILE B 48 -4.68 -17.33 -19.54
N GLN B 49 -4.40 -18.27 -18.64
CA GLN B 49 -4.76 -18.14 -17.23
C GLN B 49 -3.47 -18.06 -16.41
N MET B 50 -3.37 -17.02 -15.59
CA MET B 50 -2.25 -16.83 -14.69
C MET B 50 -2.73 -16.94 -13.26
N ARG B 51 -1.95 -17.62 -12.42
CA ARG B 51 -2.28 -17.80 -11.02
C ARG B 51 -1.29 -17.02 -10.17
N THR B 52 -1.75 -16.60 -8.99
CA THR B 52 -0.92 -15.89 -8.03
C THR B 52 -0.01 -16.88 -7.33
N ARG B 53 1.28 -16.84 -7.67
CA ARG B 53 2.25 -17.70 -7.01
C ARG B 53 2.73 -17.12 -5.69
N ARG B 54 2.81 -15.79 -5.58
CA ARG B 54 3.26 -15.16 -4.36
C ARG B 54 2.39 -13.94 -4.07
N THR B 55 2.25 -13.63 -2.78
CA THR B 55 1.66 -12.38 -2.33
C THR B 55 2.63 -11.73 -1.36
N LEU B 56 3.11 -10.54 -1.70
CA LEU B 56 4.12 -9.85 -0.91
C LEU B 56 3.42 -8.88 0.03
N ARG B 57 3.40 -9.20 1.31
CA ARG B 57 2.72 -8.41 2.33
C ARG B 57 3.75 -7.73 3.22
N GLY B 58 3.41 -6.54 3.71
CA GLY B 58 4.32 -5.79 4.55
C GLY B 58 4.25 -4.29 4.37
N HIS B 59 3.73 -3.82 3.25
CA HIS B 59 3.52 -2.39 3.07
C HIS B 59 2.31 -1.93 3.85
N LEU B 60 2.46 -0.82 4.58
CA LEU B 60 1.38 -0.29 5.39
C LEU B 60 0.32 0.43 4.57
N ALA B 61 0.69 1.05 3.45
CA ALA B 61 -0.22 1.87 2.67
C ALA B 61 -0.20 1.40 1.23
N LYS B 62 -0.89 2.15 0.37
CA LYS B 62 -0.98 1.81 -1.04
C LYS B 62 0.39 1.79 -1.69
N ILE B 63 0.63 0.78 -2.52
CA ILE B 63 1.85 0.70 -3.30
C ILE B 63 1.69 1.55 -4.55
N TYR B 64 2.66 2.41 -4.82
CA TYR B 64 2.59 3.31 -5.96
C TYR B 64 3.44 2.88 -7.14
N ALA B 65 4.56 2.20 -6.90
CA ALA B 65 5.41 1.75 -7.99
C ALA B 65 6.18 0.51 -7.55
N MET B 66 6.59 -0.27 -8.53
CA MET B 66 7.50 -1.39 -8.31
C MET B 66 8.39 -1.54 -9.54
N HIS B 67 9.58 -2.08 -9.32
CA HIS B 67 10.49 -2.35 -10.42
C HIS B 67 11.24 -3.65 -10.15
N TRP B 68 11.34 -4.48 -11.18
CA TRP B 68 12.11 -5.71 -11.07
C TRP B 68 13.61 -5.43 -11.14
N GLY B 69 14.39 -6.24 -10.43
CA GLY B 69 15.81 -6.28 -10.69
C GLY B 69 16.11 -7.00 -11.98
N THR B 70 17.31 -6.75 -12.51
CA THR B 70 17.69 -7.40 -13.76
C THR B 70 17.90 -8.90 -13.60
N ASP B 71 18.13 -9.38 -12.38
CA ASP B 71 18.26 -10.81 -12.15
C ASP B 71 16.92 -11.53 -12.14
N SER B 72 15.80 -10.79 -12.14
CA SER B 72 14.46 -11.35 -12.21
C SER B 72 14.01 -12.00 -10.91
N ARG B 73 14.75 -11.77 -9.83
CA ARG B 73 14.42 -12.35 -8.53
C ARG B 73 14.15 -11.29 -7.48
N LEU B 74 14.97 -10.26 -7.42
CA LEU B 74 14.79 -9.16 -6.48
C LEU B 74 13.92 -8.08 -7.12
N LEU B 75 13.03 -7.50 -6.33
CA LEU B 75 12.20 -6.41 -6.82
C LEU B 75 11.97 -5.38 -5.73
N VAL B 76 12.04 -4.11 -6.09
CA VAL B 76 11.81 -3.01 -5.17
C VAL B 76 10.38 -2.51 -5.36
N SER B 77 9.73 -2.20 -4.25
CA SER B 77 8.40 -1.61 -4.30
C SER B 77 8.34 -0.43 -3.35
N ALA B 78 7.61 0.60 -3.76
CA ALA B 78 7.46 1.83 -2.99
C ALA B 78 6.03 1.98 -2.55
N SER B 79 5.82 2.34 -1.28
CA SER B 79 4.49 2.60 -0.81
C SER B 79 4.46 3.96 -0.21
N GLN B 80 3.29 4.53 -0.12
CA GLN B 80 3.13 5.90 0.36
C GLN B 80 3.02 6.00 1.86
N ASP B 81 3.31 4.93 2.59
CA ASP B 81 3.65 5.06 4.00
C ASP B 81 5.06 5.59 4.19
N GLY B 82 5.82 5.75 3.12
CA GLY B 82 7.18 6.26 3.17
C GLY B 82 8.20 5.16 3.31
N LYS B 83 8.15 4.18 2.41
CA LYS B 83 9.03 3.03 2.54
C LYS B 83 9.21 2.33 1.20
N LEU B 84 10.47 2.00 0.91
CA LEU B 84 10.80 1.04 -0.14
C LEU B 84 11.09 -0.30 0.52
N ILE B 85 10.71 -1.38 -0.16
CA ILE B 85 11.04 -2.73 0.28
C ILE B 85 11.66 -3.46 -0.90
N ILE B 86 12.85 -4.00 -0.69
CA ILE B 86 13.48 -4.92 -1.64
C ILE B 86 13.10 -6.33 -1.22
N TRP B 87 12.29 -6.98 -2.05
CA TRP B 87 11.80 -8.34 -1.82
C TRP B 87 12.62 -9.33 -2.63
N ASP B 88 12.88 -10.48 -2.03
CA ASP B 88 13.31 -11.68 -2.77
C ASP B 88 12.05 -12.42 -3.17
N SER B 89 11.67 -12.31 -4.45
CA SER B 89 10.38 -12.80 -4.89
C SER B 89 10.28 -14.32 -4.84
N TYR B 90 11.40 -15.03 -4.95
CA TYR B 90 11.35 -16.49 -4.93
C TYR B 90 10.88 -17.00 -3.57
N THR B 91 11.39 -16.42 -2.49
CA THR B 91 11.09 -16.87 -1.14
C THR B 91 10.16 -15.92 -0.39
N THR B 92 9.87 -14.75 -0.95
CA THR B 92 9.08 -13.71 -0.30
C THR B 92 9.80 -13.08 0.88
N ASN B 93 11.10 -13.31 1.02
CA ASN B 93 11.87 -12.64 2.06
C ASN B 93 11.99 -11.16 1.76
N LYS B 94 12.01 -10.34 2.80
CA LYS B 94 12.25 -8.91 2.66
C LYS B 94 13.74 -8.65 2.76
N VAL B 95 14.40 -8.51 1.62
CA VAL B 95 15.84 -8.31 1.61
C VAL B 95 16.20 -7.00 2.29
N HIS B 96 15.48 -5.93 1.94
CA HIS B 96 15.78 -4.61 2.50
C HIS B 96 14.49 -3.86 2.80
N ALA B 97 14.54 -2.99 3.81
CA ALA B 97 13.49 -2.03 4.08
C ALA B 97 14.13 -0.66 4.26
N ILE B 98 13.82 0.27 3.36
CA ILE B 98 14.45 1.58 3.30
C ILE B 98 13.40 2.62 3.70
N PRO B 99 13.54 3.30 4.83
CA PRO B 99 12.61 4.38 5.18
C PRO B 99 12.92 5.64 4.38
N LEU B 100 11.88 6.29 3.86
CA LEU B 100 12.05 7.46 3.02
C LEU B 100 11.79 8.73 3.82
N ARG B 101 12.50 9.79 3.44
CA ARG B 101 12.33 11.08 4.10
C ARG B 101 10.98 11.70 3.76
N SER B 102 10.49 11.48 2.54
CA SER B 102 9.19 11.94 2.11
C SER B 102 8.30 10.73 1.86
N SER B 103 7.14 10.69 2.49
CA SER B 103 6.26 9.53 2.38
C SER B 103 5.47 9.53 1.08
N TRP B 104 5.50 10.62 0.32
CA TRP B 104 4.69 10.74 -0.87
C TRP B 104 5.47 10.27 -2.10
N VAL B 105 5.96 9.03 -2.05
CA VAL B 105 6.71 8.48 -3.16
C VAL B 105 5.75 8.02 -4.25
N MET B 106 6.07 8.37 -5.49
CA MET B 106 5.26 8.00 -6.64
C MET B 106 5.99 7.13 -7.64
N THR B 107 7.28 6.88 -7.46
CA THR B 107 8.05 6.07 -8.40
C THR B 107 9.23 5.44 -7.67
N CYS B 108 9.70 4.32 -8.19
CA CYS B 108 10.92 3.69 -7.72
C CYS B 108 11.59 2.99 -8.89
N ALA B 109 12.90 2.83 -8.80
CA ALA B 109 13.67 2.19 -9.86
C ALA B 109 14.77 1.33 -9.24
N TYR B 110 15.15 0.29 -9.99
CA TYR B 110 16.23 -0.60 -9.62
C TYR B 110 17.35 -0.46 -10.63
N ALA B 111 18.55 -0.13 -10.15
CA ALA B 111 19.67 0.02 -11.06
C ALA B 111 19.93 -1.30 -11.79
N PRO B 112 20.22 -1.27 -13.09
CA PRO B 112 20.47 -2.54 -13.79
C PRO B 112 21.64 -3.33 -13.23
N SER B 113 22.56 -2.67 -12.52
CA SER B 113 23.63 -3.38 -11.83
C SER B 113 23.20 -3.89 -10.46
N GLY B 114 22.06 -3.43 -9.95
CA GLY B 114 21.60 -3.83 -8.65
C GLY B 114 22.26 -3.12 -7.48
N ASN B 115 23.14 -2.16 -7.75
CA ASN B 115 23.87 -1.49 -6.67
C ASN B 115 23.06 -0.37 -6.04
N TYR B 116 22.12 0.20 -6.78
CA TYR B 116 21.35 1.34 -6.29
C TYR B 116 19.88 1.15 -6.59
N VAL B 117 19.05 1.83 -5.81
CA VAL B 117 17.65 2.04 -6.16
C VAL B 117 17.42 3.55 -6.19
N ALA B 118 16.33 3.96 -6.84
CA ALA B 118 15.96 5.36 -6.91
C ALA B 118 14.49 5.51 -6.57
N CYS B 119 14.13 6.66 -6.02
CA CYS B 119 12.72 6.92 -5.72
C CYS B 119 12.50 8.42 -5.56
N GLY B 120 11.29 8.84 -5.89
CA GLY B 120 10.92 10.24 -5.74
C GLY B 120 9.42 10.37 -5.77
N GLY B 121 8.96 11.61 -5.61
CA GLY B 121 7.53 11.86 -5.56
C GLY B 121 7.19 13.33 -5.41
N LEU B 122 6.25 13.63 -4.51
CA LEU B 122 5.80 15.00 -4.33
C LEU B 122 6.88 15.91 -3.77
N ASP B 123 7.99 15.36 -3.28
CA ASP B 123 9.08 16.20 -2.80
C ASP B 123 9.86 16.85 -3.93
N ASN B 124 9.60 16.47 -5.17
CA ASN B 124 10.29 16.99 -6.35
C ASN B 124 11.75 16.59 -6.38
N ILE B 125 12.12 15.50 -5.71
CA ILE B 125 13.51 15.07 -5.58
C ILE B 125 13.60 13.60 -5.97
N CYS B 126 14.71 13.24 -6.60
CA CYS B 126 15.00 11.84 -6.91
C CYS B 126 16.16 11.37 -6.02
N SER B 127 15.85 10.56 -5.02
CA SER B 127 16.84 10.06 -4.09
C SER B 127 17.41 8.75 -4.61
N ILE B 128 18.73 8.64 -4.60
CA ILE B 128 19.46 7.44 -4.97
C ILE B 128 19.96 6.78 -3.70
N TYR B 129 19.64 5.51 -3.52
CA TYR B 129 20.04 4.74 -2.35
C TYR B 129 21.06 3.70 -2.76
N ASN B 130 22.16 3.63 -2.02
CA ASN B 130 23.24 2.69 -2.28
C ASN B 130 22.97 1.40 -1.51
N LEU B 131 22.81 0.30 -2.23
CA LEU B 131 22.49 -0.98 -1.62
C LEU B 131 23.72 -1.79 -1.21
N LYS B 132 24.92 -1.34 -1.57
CA LYS B 132 26.15 -2.09 -1.33
C LYS B 132 27.11 -1.33 -0.42
N THR B 133 26.60 -0.63 0.59
CA THR B 133 27.45 0.12 1.50
C THR B 133 28.31 -0.84 2.32
N ARG B 134 29.56 -0.44 2.57
CA ARG B 134 30.44 -1.26 3.38
C ARG B 134 29.97 -1.30 4.84
N GLU B 135 29.25 -0.26 5.27
CA GLU B 135 28.67 -0.24 6.59
C GLU B 135 27.55 -1.26 6.76
N GLY B 136 27.06 -1.84 5.67
CA GLY B 136 26.00 -2.83 5.72
C GLY B 136 24.60 -2.27 5.71
N ASN B 137 24.44 -0.96 5.82
CA ASN B 137 23.12 -0.33 5.81
C ASN B 137 22.92 0.47 4.54
N VAL B 138 21.68 0.51 4.07
CA VAL B 138 21.36 1.27 2.87
C VAL B 138 21.35 2.76 3.21
N ARG B 139 22.02 3.55 2.37
CA ARG B 139 22.23 4.96 2.63
C ARG B 139 21.87 5.77 1.40
N VAL B 140 21.49 7.03 1.61
CA VAL B 140 21.20 7.95 0.51
C VAL B 140 22.51 8.45 -0.06
N SER B 141 22.87 7.97 -1.26
CA SER B 141 24.11 8.39 -1.87
C SER B 141 24.00 9.81 -2.43
N ARG B 142 22.85 10.13 -3.01
CA ARG B 142 22.63 11.45 -3.59
C ARG B 142 21.13 11.70 -3.60
N GLU B 143 20.75 12.98 -3.67
CA GLU B 143 19.37 13.35 -3.90
C GLU B 143 19.33 14.49 -4.91
N LEU B 144 18.74 14.21 -6.07
CA LEU B 144 18.74 15.09 -7.22
C LEU B 144 17.56 16.05 -7.10
N ALA B 145 17.86 17.34 -7.05
CA ALA B 145 16.87 18.40 -6.98
C ALA B 145 16.99 19.27 -8.21
N GLY B 146 15.88 19.91 -8.61
CA GLY B 146 15.88 20.76 -9.78
C GLY B 146 14.57 20.68 -10.56
N HIS B 147 13.81 19.62 -10.35
CA HIS B 147 12.46 19.58 -10.88
C HIS B 147 11.55 20.47 -10.04
N THR B 148 10.69 21.23 -10.72
CA THR B 148 9.74 22.13 -10.05
C THR B 148 8.37 21.49 -9.93
N GLY B 149 8.28 20.19 -10.13
CA GLY B 149 7.04 19.46 -9.96
C GLY B 149 7.33 18.05 -9.49
N TYR B 150 6.30 17.42 -8.94
CA TYR B 150 6.45 16.10 -8.35
C TYR B 150 7.14 15.15 -9.33
N LEU B 151 7.96 14.26 -8.79
CA LEU B 151 8.67 13.29 -9.63
C LEU B 151 7.74 12.13 -9.96
N SER B 152 7.50 11.92 -11.25
CA SER B 152 6.52 10.96 -11.73
C SER B 152 7.14 9.61 -12.12
N CYS B 153 8.37 9.62 -12.61
CA CYS B 153 9.05 8.38 -12.99
C CYS B 153 10.55 8.60 -12.97
N CYS B 154 11.28 7.50 -12.90
CA CYS B 154 12.74 7.55 -12.94
C CYS B 154 13.25 6.17 -13.34
N ARG B 155 14.22 6.17 -14.27
CA ARG B 155 14.81 4.93 -14.77
C ARG B 155 16.31 5.11 -14.89
N PHE B 156 17.07 4.13 -14.39
CA PHE B 156 18.51 4.17 -14.48
C PHE B 156 18.96 3.84 -15.90
N LEU B 157 19.85 4.66 -16.45
CA LEU B 157 20.58 4.27 -17.65
C LEU B 157 21.85 3.50 -17.28
N ASP B 158 22.33 3.70 -16.06
CA ASP B 158 23.67 3.30 -15.67
C ASP B 158 23.81 3.65 -14.19
N ASP B 159 24.88 3.14 -13.57
CA ASP B 159 25.11 3.44 -12.17
C ASP B 159 25.25 4.93 -11.92
N ASN B 160 25.60 5.71 -12.95
CA ASN B 160 25.87 7.13 -12.80
C ASN B 160 24.85 8.03 -13.49
N GLN B 161 23.99 7.50 -14.34
CA GLN B 161 23.03 8.30 -15.10
C GLN B 161 21.62 7.81 -14.84
N ILE B 162 20.72 8.74 -14.52
CA ILE B 162 19.31 8.44 -14.31
C ILE B 162 18.48 9.46 -15.07
N VAL B 163 17.41 8.98 -15.70
CA VAL B 163 16.47 9.81 -16.43
C VAL B 163 15.18 9.87 -15.63
N THR B 164 14.68 11.08 -15.41
CA THR B 164 13.50 11.32 -14.59
C THR B 164 12.47 12.11 -15.38
N SER B 165 11.23 12.04 -14.92
CA SER B 165 10.13 12.85 -15.44
C SER B 165 9.38 13.44 -14.25
N SER B 166 8.71 14.57 -14.49
CA SER B 166 8.04 15.24 -13.38
C SER B 166 6.75 15.88 -13.88
N GLY B 167 5.96 16.36 -12.92
CA GLY B 167 4.74 17.08 -13.24
C GLY B 167 4.98 18.49 -13.73
N ASP B 168 6.22 18.96 -13.67
CA ASP B 168 6.57 20.27 -14.24
C ASP B 168 6.71 20.22 -15.75
N THR B 169 6.27 19.13 -16.39
CA THR B 169 6.17 18.95 -17.84
C THR B 169 7.49 18.61 -18.49
N THR B 170 8.61 18.53 -17.75
CA THR B 170 9.90 18.25 -18.34
C THR B 170 10.42 16.90 -17.88
N CYS B 171 11.26 16.31 -18.72
CA CYS B 171 12.10 15.18 -18.33
C CYS B 171 13.52 15.68 -18.18
N ALA B 172 14.37 14.86 -17.58
CA ALA B 172 15.74 15.27 -17.31
C ALA B 172 16.65 14.05 -17.28
N LEU B 173 17.89 14.27 -17.70
CA LEU B 173 18.97 13.29 -17.58
C LEU B 173 20.02 13.86 -16.64
N TRP B 174 20.33 13.11 -15.59
CA TRP B 174 21.19 13.58 -14.51
C TRP B 174 22.54 12.88 -14.54
N ASP B 175 23.55 13.56 -14.02
CA ASP B 175 24.84 12.94 -13.70
C ASP B 175 24.87 12.75 -12.18
N ILE B 176 24.69 11.50 -11.75
CA ILE B 176 24.47 11.25 -10.32
C ILE B 176 25.69 11.68 -9.51
N GLU B 177 26.89 11.48 -10.05
CA GLU B 177 28.09 11.83 -9.29
C GLU B 177 28.11 13.31 -8.95
N THR B 178 27.92 14.17 -9.95
CA THR B 178 27.78 15.60 -9.71
C THR B 178 26.40 15.98 -9.23
N GLY B 179 25.40 15.14 -9.48
CA GLY B 179 24.05 15.41 -9.03
C GLY B 179 23.39 16.60 -9.68
N GLN B 180 23.64 16.84 -10.97
CA GLN B 180 23.04 17.97 -11.66
C GLN B 180 22.57 17.52 -13.03
N GLN B 181 21.61 18.25 -13.57
CA GLN B 181 20.95 17.86 -14.81
C GLN B 181 21.92 17.99 -15.98
N THR B 182 22.36 16.85 -16.51
CA THR B 182 23.15 16.86 -17.74
C THR B 182 22.31 17.38 -18.90
N THR B 183 21.05 16.99 -18.96
CA THR B 183 20.16 17.41 -20.05
C THR B 183 18.75 17.63 -19.53
N THR B 184 18.03 18.54 -20.16
CA THR B 184 16.62 18.75 -19.90
C THR B 184 15.83 18.56 -21.19
N PHE B 185 14.76 17.78 -21.10
CA PHE B 185 13.90 17.47 -22.24
C PHE B 185 12.57 18.21 -22.06
N THR B 186 12.30 19.14 -22.96
CA THR B 186 11.11 19.98 -22.89
C THR B 186 10.31 19.84 -24.18
N GLY B 187 9.03 20.13 -24.09
CA GLY B 187 8.13 19.97 -25.23
C GLY B 187 6.76 19.48 -24.82
N HIS B 188 6.68 18.79 -23.70
CA HIS B 188 5.39 18.40 -23.16
C HIS B 188 4.70 19.61 -22.53
N THR B 189 3.37 19.64 -22.62
CA THR B 189 2.58 20.71 -22.04
C THR B 189 1.79 20.26 -20.81
N GLY B 190 1.79 18.97 -20.47
CA GLY B 190 1.18 18.48 -19.26
C GLY B 190 2.18 17.71 -18.42
N ASP B 191 1.70 17.26 -17.26
CA ASP B 191 2.54 16.46 -16.37
C ASP B 191 3.06 15.24 -17.11
N VAL B 192 4.37 15.03 -17.07
CA VAL B 192 4.95 13.83 -17.67
C VAL B 192 4.68 12.68 -16.71
N MET B 193 3.82 11.76 -17.12
CA MET B 193 3.32 10.73 -16.20
C MET B 193 4.16 9.47 -16.22
N SER B 194 4.81 9.15 -17.33
CA SER B 194 5.68 7.99 -17.33
C SER B 194 6.71 8.12 -18.44
N LEU B 195 7.81 7.37 -18.30
CA LEU B 195 8.79 7.23 -19.36
C LEU B 195 9.27 5.80 -19.42
N SER B 196 9.68 5.38 -20.61
CA SER B 196 10.20 4.05 -20.85
C SER B 196 11.51 4.15 -21.63
N LEU B 197 12.53 3.45 -21.15
CA LEU B 197 13.84 3.47 -21.78
C LEU B 197 13.92 2.40 -22.85
N ALA B 198 14.48 2.75 -24.00
CA ALA B 198 14.64 1.79 -25.07
C ALA B 198 15.66 0.71 -24.67
N PRO B 199 15.58 -0.47 -25.28
CA PRO B 199 16.53 -1.53 -24.91
C PRO B 199 17.99 -1.11 -25.02
N ASP B 200 18.34 -0.30 -26.02
CA ASP B 200 19.70 0.18 -26.19
C ASP B 200 20.00 1.41 -25.33
N THR B 201 18.99 2.01 -24.72
CA THR B 201 19.18 3.17 -23.86
C THR B 201 19.74 4.36 -24.64
N ARG B 202 19.46 4.41 -25.95
CA ARG B 202 19.77 5.61 -26.72
C ARG B 202 18.56 6.52 -26.84
N LEU B 203 17.36 5.97 -26.71
CA LEU B 203 16.12 6.71 -26.80
C LEU B 203 15.21 6.34 -25.65
N PHE B 204 14.24 7.21 -25.38
CA PHE B 204 13.19 6.88 -24.41
C PHE B 204 11.92 7.64 -24.77
N VAL B 205 10.78 7.01 -24.48
CA VAL B 205 9.47 7.59 -24.76
C VAL B 205 8.87 8.07 -23.45
N SER B 206 7.96 9.04 -23.53
CA SER B 206 7.31 9.58 -22.34
C SER B 206 5.87 9.95 -22.64
N GLY B 207 4.98 9.63 -21.70
CA GLY B 207 3.57 10.00 -21.79
C GLY B 207 3.22 10.99 -20.70
N ALA B 208 2.55 12.08 -21.10
CA ALA B 208 2.64 13.32 -20.34
C ALA B 208 1.32 14.09 -20.22
N CYS B 209 0.22 13.41 -19.90
CA CYS B 209 -1.00 14.09 -19.45
C CYS B 209 -1.49 15.16 -20.43
N ASP B 210 -1.00 15.13 -21.68
CA ASP B 210 -1.54 15.99 -22.72
C ASP B 210 -2.03 15.16 -23.88
N ALA B 211 -2.29 13.87 -23.67
CA ALA B 211 -2.76 12.94 -24.68
C ALA B 211 -1.70 12.67 -25.75
N SER B 212 -0.45 13.02 -25.51
CA SER B 212 0.62 12.83 -26.46
C SER B 212 1.79 12.10 -25.81
N ALA B 213 2.43 11.25 -26.61
CA ALA B 213 3.68 10.59 -26.23
C ALA B 213 4.80 11.19 -27.06
N LYS B 214 5.99 11.27 -26.48
CA LYS B 214 7.12 11.87 -27.16
C LYS B 214 8.35 10.98 -27.06
N LEU B 215 9.09 10.91 -28.17
CA LEU B 215 10.33 10.13 -28.25
C LEU B 215 11.51 11.08 -28.15
N TRP B 216 12.43 10.79 -27.22
CA TRP B 216 13.58 11.63 -26.95
C TRP B 216 14.85 10.84 -27.19
N ASP B 217 15.83 11.52 -27.78
CA ASP B 217 17.19 10.99 -27.88
C ASP B 217 18.02 11.59 -26.75
N VAL B 218 18.58 10.72 -25.89
CA VAL B 218 19.24 11.22 -24.69
C VAL B 218 20.51 12.00 -25.02
N ARG B 219 21.28 11.58 -26.02
CA ARG B 219 22.56 12.23 -26.29
C ARG B 219 22.38 13.64 -26.85
N GLU B 220 21.55 13.80 -27.87
CA GLU B 220 21.31 15.13 -28.42
C GLU B 220 20.41 15.95 -27.51
N GLY B 221 19.34 15.36 -26.98
CA GLY B 221 18.49 16.03 -26.03
C GLY B 221 17.35 16.81 -26.65
N MET B 222 16.62 16.21 -27.59
CA MET B 222 15.45 16.84 -28.17
C MET B 222 14.50 15.78 -28.68
N CYS B 223 13.28 16.19 -29.02
CA CYS B 223 12.20 15.26 -29.33
C CYS B 223 12.33 14.78 -30.78
N ARG B 224 12.53 13.48 -30.95
CA ARG B 224 12.54 12.90 -32.30
C ARG B 224 11.16 12.91 -32.92
N GLN B 225 10.15 12.43 -32.17
CA GLN B 225 8.82 12.26 -32.72
C GLN B 225 7.79 12.53 -31.64
N THR B 226 6.58 12.89 -32.08
CA THR B 226 5.42 13.05 -31.21
C THR B 226 4.28 12.21 -31.75
N PHE B 227 3.67 11.42 -30.88
CA PHE B 227 2.59 10.51 -31.23
C PHE B 227 1.33 10.96 -30.51
N THR B 228 0.22 11.05 -31.26
CA THR B 228 -1.06 11.42 -30.70
C THR B 228 -2.10 10.41 -31.13
N GLY B 229 -3.27 10.47 -30.49
CA GLY B 229 -4.32 9.51 -30.74
C GLY B 229 -5.07 9.14 -29.48
N HIS B 230 -4.41 9.27 -28.34
CA HIS B 230 -5.10 9.12 -27.07
C HIS B 230 -6.01 10.33 -26.85
N GLU B 231 -7.12 10.10 -26.16
CA GLU B 231 -8.13 11.13 -25.94
C GLU B 231 -7.97 11.80 -24.58
N SER B 232 -7.11 11.30 -23.71
CA SER B 232 -7.00 11.82 -22.35
C SER B 232 -5.56 11.60 -21.88
N ASP B 233 -5.34 11.78 -20.58
CA ASP B 233 -4.00 11.71 -20.02
C ASP B 233 -3.42 10.32 -20.20
N ILE B 234 -2.12 10.27 -20.48
CA ILE B 234 -1.40 9.00 -20.57
C ILE B 234 -0.72 8.74 -19.23
N ASN B 235 -1.08 7.64 -18.58
CA ASN B 235 -0.53 7.31 -17.28
C ASN B 235 0.63 6.33 -17.36
N ALA B 236 0.66 5.48 -18.40
CA ALA B 236 1.64 4.42 -18.53
C ALA B 236 2.16 4.36 -19.95
N ILE B 237 3.44 4.02 -20.08
CA ILE B 237 4.08 3.85 -21.38
C ILE B 237 5.14 2.75 -21.25
N CYS B 238 5.24 1.89 -22.26
CA CYS B 238 6.17 0.78 -22.24
C CYS B 238 6.72 0.55 -23.64
N PHE B 239 8.01 0.27 -23.73
CA PHE B 239 8.63 -0.02 -25.02
C PHE B 239 8.38 -1.47 -25.41
N PHE B 240 8.10 -1.67 -26.69
CA PHE B 240 7.98 -3.02 -27.23
C PHE B 240 9.36 -3.68 -27.20
N PRO B 241 9.43 -5.00 -27.01
CA PRO B 241 10.74 -5.63 -26.76
C PRO B 241 11.80 -5.34 -27.82
N ASN B 242 11.42 -5.22 -29.09
CA ASN B 242 12.43 -4.97 -30.13
C ASN B 242 12.79 -3.49 -30.27
N GLY B 243 12.11 -2.61 -29.53
CA GLY B 243 12.48 -1.20 -29.50
C GLY B 243 11.93 -0.36 -30.63
N ASN B 244 11.21 -0.95 -31.59
CA ASN B 244 10.66 -0.22 -32.71
C ASN B 244 9.20 0.19 -32.50
N ALA B 245 8.65 -0.07 -31.32
CA ALA B 245 7.27 0.27 -31.02
C ALA B 245 7.11 0.43 -29.52
N PHE B 246 6.00 1.02 -29.11
CA PHE B 246 5.71 1.16 -27.69
C PHE B 246 4.20 1.21 -27.49
N ALA B 247 3.78 1.00 -26.25
CA ALA B 247 2.37 0.95 -25.88
C ALA B 247 2.10 1.91 -24.74
N THR B 248 0.98 2.62 -24.83
CA THR B 248 0.58 3.62 -23.85
C THR B 248 -0.79 3.31 -23.30
N GLY B 249 -0.96 3.49 -22.01
CA GLY B 249 -2.27 3.38 -21.38
C GLY B 249 -2.69 4.73 -20.84
N SER B 250 -3.98 5.03 -20.97
CA SER B 250 -4.47 6.37 -20.73
C SER B 250 -5.78 6.35 -19.94
N ASP B 251 -6.19 7.54 -19.49
CA ASP B 251 -7.42 7.69 -18.74
C ASP B 251 -8.66 7.48 -19.60
N ASP B 252 -8.52 7.55 -20.93
CA ASP B 252 -9.66 7.28 -21.79
C ASP B 252 -10.00 5.80 -21.88
N ALA B 253 -9.40 4.96 -21.03
CA ALA B 253 -9.76 3.57 -20.85
C ALA B 253 -9.30 2.68 -21.99
N THR B 254 -8.24 3.07 -22.70
CA THR B 254 -7.72 2.29 -23.81
C THR B 254 -6.19 2.25 -23.75
N CYS B 255 -5.63 1.14 -24.23
CA CYS B 255 -4.22 1.09 -24.55
C CYS B 255 -4.05 1.34 -26.04
N ARG B 256 -2.85 1.76 -26.43
CA ARG B 256 -2.57 2.05 -27.83
C ARG B 256 -1.13 1.72 -28.15
N LEU B 257 -0.93 1.02 -29.25
CA LEU B 257 0.39 0.62 -29.73
C LEU B 257 0.78 1.50 -30.90
N PHE B 258 1.89 2.22 -30.74
CA PHE B 258 2.46 3.08 -31.75
C PHE B 258 3.77 2.47 -32.25
N ASP B 259 4.08 2.72 -33.52
CA ASP B 259 5.33 2.28 -34.13
C ASP B 259 6.18 3.49 -34.46
N LEU B 260 7.45 3.46 -34.02
CA LEU B 260 8.34 4.60 -34.22
C LEU B 260 8.58 4.84 -35.71
N ARG B 261 8.89 3.78 -36.46
CA ARG B 261 9.23 3.94 -37.87
C ARG B 261 8.04 4.41 -38.69
N ALA B 262 6.86 3.83 -38.47
CA ALA B 262 5.66 4.30 -39.13
C ALA B 262 5.16 5.62 -38.55
N ASP B 263 5.64 6.00 -37.37
CA ASP B 263 5.37 7.31 -36.80
C ASP B 263 3.88 7.56 -36.64
N GLN B 264 3.15 6.54 -36.21
CA GLN B 264 1.71 6.70 -35.99
C GLN B 264 1.19 5.53 -35.17
N GLU B 265 -0.09 5.62 -34.83
CA GLU B 265 -0.77 4.54 -34.12
C GLU B 265 -0.85 3.29 -34.97
N LEU B 266 -0.57 2.14 -34.37
CA LEU B 266 -0.74 0.87 -35.05
C LEU B 266 -1.95 0.10 -34.55
N MET B 267 -2.24 0.16 -33.25
CA MET B 267 -3.36 -0.61 -32.73
C MET B 267 -3.94 0.06 -31.50
N THR B 268 -5.18 -0.30 -31.17
CA THR B 268 -5.85 0.19 -29.97
C THR B 268 -6.54 -0.97 -29.27
N TYR B 269 -6.31 -1.09 -27.97
CA TYR B 269 -6.85 -2.15 -27.14
C TYR B 269 -7.88 -1.55 -26.21
N SER B 270 -9.16 -1.81 -26.48
CA SER B 270 -10.25 -1.25 -25.71
C SER B 270 -11.46 -2.17 -25.83
N HIS B 271 -12.23 -2.24 -24.75
CA HIS B 271 -13.50 -2.97 -24.77
C HIS B 271 -14.57 -2.10 -24.15
N ASP B 272 -15.79 -2.23 -24.67
CA ASP B 272 -16.88 -1.35 -24.25
C ASP B 272 -17.22 -1.50 -22.77
N ASN B 273 -16.93 -2.65 -22.16
CA ASN B 273 -17.18 -2.84 -20.75
C ASN B 273 -16.12 -2.20 -19.86
N ILE B 274 -15.03 -1.71 -20.45
CA ILE B 274 -13.95 -1.08 -19.69
C ILE B 274 -14.12 0.43 -19.83
N ILE B 275 -14.49 1.07 -18.73
CA ILE B 275 -14.76 2.51 -18.74
C ILE B 275 -13.93 3.18 -17.64
N CYS B 276 -12.78 2.59 -17.33
CA CYS B 276 -11.90 3.08 -16.29
C CYS B 276 -10.51 3.28 -16.87
N GLY B 277 -9.73 4.14 -16.22
CA GLY B 277 -8.42 4.47 -16.72
C GLY B 277 -7.43 3.33 -16.56
N ILE B 278 -6.32 3.46 -17.27
CA ILE B 278 -5.26 2.46 -17.28
C ILE B 278 -4.06 3.05 -16.54
N THR B 279 -3.60 2.32 -15.52
CA THR B 279 -2.57 2.83 -14.62
C THR B 279 -1.17 2.35 -14.97
N SER B 280 -1.06 1.21 -15.64
CA SER B 280 0.25 0.64 -15.95
C SER B 280 0.11 -0.28 -17.15
N VAL B 281 1.22 -0.46 -17.87
CA VAL B 281 1.27 -1.38 -19.00
C VAL B 281 2.64 -2.03 -19.05
N SER B 282 2.70 -3.23 -19.63
CA SER B 282 3.96 -3.93 -19.83
C SER B 282 3.77 -4.98 -20.90
N PHE B 283 4.88 -5.41 -21.49
CA PHE B 283 4.89 -6.46 -22.50
C PHE B 283 5.51 -7.73 -21.92
N SER B 284 5.05 -8.86 -22.43
CA SER B 284 5.75 -10.10 -22.17
C SER B 284 7.05 -10.12 -22.98
N LYS B 285 7.91 -11.11 -22.69
CA LYS B 285 9.23 -11.12 -23.29
C LYS B 285 9.16 -11.14 -24.82
N SER B 286 8.30 -11.98 -25.38
CA SER B 286 8.17 -12.02 -26.83
C SER B 286 7.41 -10.82 -27.38
N GLY B 287 6.73 -10.06 -26.51
CA GLY B 287 5.92 -8.95 -26.94
C GLY B 287 4.54 -9.32 -27.41
N ARG B 288 4.17 -10.61 -27.35
CA ARG B 288 2.85 -11.02 -27.84
C ARG B 288 1.74 -10.62 -26.87
N LEU B 289 2.04 -10.56 -25.58
CA LEU B 289 1.06 -10.20 -24.56
C LEU B 289 1.34 -8.79 -24.06
N LEU B 290 0.28 -7.99 -23.96
CA LEU B 290 0.35 -6.66 -23.37
C LEU B 290 -0.49 -6.67 -22.10
N LEU B 291 0.17 -6.55 -20.95
CA LEU B 291 -0.51 -6.59 -19.66
C LEU B 291 -0.73 -5.18 -19.16
N ALA B 292 -1.99 -4.83 -18.87
CA ALA B 292 -2.35 -3.48 -18.48
C ALA B 292 -3.15 -3.51 -17.19
N GLY B 293 -2.71 -2.75 -16.20
CA GLY B 293 -3.45 -2.59 -14.97
C GLY B 293 -4.44 -1.45 -15.06
N TYR B 294 -5.54 -1.58 -14.33
CA TYR B 294 -6.69 -0.70 -14.50
C TYR B 294 -7.11 -0.10 -13.17
N ASP B 295 -7.80 1.05 -13.26
CA ASP B 295 -8.45 1.61 -12.09
C ASP B 295 -9.48 0.63 -11.53
N ASP B 296 -10.22 -0.03 -12.41
CA ASP B 296 -10.87 -1.28 -12.03
C ASP B 296 -9.83 -2.24 -11.49
N PHE B 297 -10.17 -2.95 -10.42
CA PHE B 297 -9.15 -3.54 -9.56
C PHE B 297 -8.45 -4.76 -10.17
N ASN B 298 -8.63 -5.02 -11.45
CA ASN B 298 -8.01 -6.19 -12.08
C ASN B 298 -7.27 -5.79 -13.33
N CYS B 299 -6.17 -6.48 -13.60
CA CYS B 299 -5.40 -6.27 -14.82
C CYS B 299 -5.97 -7.09 -15.96
N ASN B 300 -5.73 -6.65 -17.19
CA ASN B 300 -6.14 -7.39 -18.37
C ASN B 300 -4.93 -7.69 -19.25
N VAL B 301 -4.88 -8.90 -19.78
CA VAL B 301 -3.82 -9.36 -20.66
C VAL B 301 -4.40 -9.38 -22.07
N TRP B 302 -3.84 -8.55 -22.95
CA TRP B 302 -4.29 -8.39 -24.32
C TRP B 302 -3.36 -9.13 -25.27
N ASP B 303 -3.94 -9.68 -26.33
CA ASP B 303 -3.16 -10.16 -27.46
C ASP B 303 -2.68 -8.96 -28.26
N ALA B 304 -1.41 -8.58 -28.08
CA ALA B 304 -0.90 -7.36 -28.69
C ALA B 304 -0.98 -7.37 -30.21
N LEU B 305 -1.07 -8.54 -30.84
CA LEU B 305 -1.16 -8.64 -32.29
C LEU B 305 -2.59 -8.59 -32.80
N LYS B 306 -3.54 -9.16 -32.05
CA LYS B 306 -4.95 -9.18 -32.45
C LYS B 306 -5.80 -8.23 -31.63
N ALA B 307 -5.35 -7.81 -30.45
CA ALA B 307 -6.03 -6.82 -29.63
C ALA B 307 -7.38 -7.33 -29.13
N ASP B 308 -7.38 -8.59 -28.71
CA ASP B 308 -8.52 -9.16 -28.01
C ASP B 308 -8.05 -9.66 -26.66
N ARG B 309 -8.91 -9.52 -25.66
CA ARG B 309 -8.53 -9.81 -24.28
C ARG B 309 -8.16 -11.28 -24.17
N ALA B 310 -6.88 -11.55 -23.93
CA ALA B 310 -6.41 -12.92 -23.79
C ALA B 310 -6.61 -13.46 -22.37
N GLY B 311 -6.70 -12.58 -21.38
CA GLY B 311 -6.90 -13.06 -20.03
C GLY B 311 -7.11 -11.92 -19.06
N VAL B 312 -7.33 -12.28 -17.79
CA VAL B 312 -7.56 -11.33 -16.72
C VAL B 312 -6.78 -11.76 -15.49
N LEU B 313 -6.08 -10.81 -14.87
CA LEU B 313 -5.50 -11.01 -13.54
C LEU B 313 -6.37 -10.28 -12.52
N ALA B 314 -7.27 -11.05 -11.92
CA ALA B 314 -8.13 -10.54 -10.85
C ALA B 314 -7.62 -11.08 -9.53
N GLY B 315 -7.79 -10.32 -8.45
CA GLY B 315 -7.25 -10.71 -7.16
C GLY B 315 -6.77 -9.56 -6.30
N HIS B 316 -6.76 -8.35 -6.84
CA HIS B 316 -6.46 -7.16 -6.05
C HIS B 316 -7.76 -6.51 -5.61
N ASP B 317 -7.80 -6.07 -4.35
CA ASP B 317 -8.99 -5.49 -3.77
C ASP B 317 -9.11 -3.98 -4.02
N ASN B 318 -8.12 -3.37 -4.65
CA ASN B 318 -8.14 -1.93 -4.88
C ASN B 318 -7.46 -1.65 -6.21
N ARG B 319 -7.26 -0.37 -6.49
CA ARG B 319 -6.64 0.09 -7.73
C ARG B 319 -5.33 -0.63 -7.99
N VAL B 320 -5.16 -1.16 -9.20
CA VAL B 320 -3.88 -1.71 -9.62
C VAL B 320 -3.00 -0.56 -10.07
N SER B 321 -1.95 -0.26 -9.30
CA SER B 321 -1.14 0.91 -9.55
C SER B 321 0.12 0.63 -10.35
N CYS B 322 0.74 -0.54 -10.19
CA CYS B 322 2.00 -0.81 -10.87
C CYS B 322 2.01 -2.24 -11.40
N LEU B 323 2.81 -2.44 -12.43
CA LEU B 323 2.84 -3.70 -13.17
C LEU B 323 4.20 -3.84 -13.84
N GLY B 324 4.75 -5.06 -13.78
CA GLY B 324 6.06 -5.28 -14.37
C GLY B 324 6.39 -6.74 -14.65
N VAL B 325 6.92 -7.01 -15.82
CA VAL B 325 7.32 -8.36 -16.21
C VAL B 325 8.83 -8.51 -16.02
N THR B 326 9.25 -9.70 -15.61
CA THR B 326 10.67 -9.95 -15.39
C THR B 326 11.42 -9.96 -16.71
N ASP B 327 12.74 -9.81 -16.63
CA ASP B 327 13.56 -9.76 -17.84
C ASP B 327 13.59 -11.11 -18.54
N ASP B 328 13.44 -12.21 -17.81
CA ASP B 328 13.35 -13.54 -18.41
C ASP B 328 11.92 -13.94 -18.72
N GLY B 329 10.94 -13.12 -18.35
CA GLY B 329 9.55 -13.39 -18.66
C GLY B 329 8.88 -14.45 -17.82
N MET B 330 9.48 -14.84 -16.69
CA MET B 330 8.95 -15.96 -15.93
C MET B 330 7.68 -15.59 -15.17
N ALA B 331 7.58 -14.35 -14.72
CA ALA B 331 6.46 -13.93 -13.90
C ALA B 331 6.15 -12.46 -14.16
N VAL B 332 4.95 -12.04 -13.75
CA VAL B 332 4.55 -10.64 -13.79
C VAL B 332 4.09 -10.22 -12.41
N ALA B 333 4.67 -9.14 -11.89
CA ALA B 333 4.29 -8.60 -10.60
C ALA B 333 3.30 -7.46 -10.79
N THR B 334 2.25 -7.45 -9.97
CA THR B 334 1.26 -6.38 -9.95
C THR B 334 1.15 -5.85 -8.53
N GLY B 335 1.34 -4.56 -8.35
CA GLY B 335 1.18 -3.93 -7.07
C GLY B 335 -0.02 -3.00 -7.05
N SER B 336 -0.77 -3.06 -5.96
CA SER B 336 -2.07 -2.41 -5.92
C SER B 336 -2.14 -1.41 -4.77
N TRP B 337 -3.23 -0.64 -4.75
CA TRP B 337 -3.50 0.29 -3.68
C TRP B 337 -3.98 -0.41 -2.40
N ASP B 338 -4.27 -1.70 -2.46
CA ASP B 338 -4.54 -2.47 -1.25
C ASP B 338 -3.27 -2.84 -0.50
N SER B 339 -2.11 -2.35 -0.94
CA SER B 339 -0.84 -2.52 -0.27
C SER B 339 -0.25 -3.92 -0.44
N PHE B 340 -0.60 -4.61 -1.52
CA PHE B 340 -0.03 -5.91 -1.83
C PHE B 340 0.56 -5.93 -3.23
N LEU B 341 1.65 -6.68 -3.37
CA LEU B 341 2.18 -7.09 -4.66
C LEU B 341 1.93 -8.58 -4.83
N LYS B 342 1.48 -8.95 -6.03
CA LYS B 342 1.23 -10.34 -6.37
C LYS B 342 2.06 -10.72 -7.58
N ILE B 343 2.81 -11.81 -7.45
CA ILE B 343 3.54 -12.40 -8.56
C ILE B 343 2.61 -13.39 -9.24
N TRP B 344 2.49 -13.30 -10.56
CA TRP B 344 1.58 -14.13 -11.34
C TRP B 344 2.37 -14.93 -12.35
N ASN B 345 1.94 -16.16 -12.59
CA ASN B 345 2.60 -17.05 -13.52
C ASN B 345 1.60 -17.91 -14.29
N THR C 6 5.50 38.90 -25.32
CA THR C 6 6.97 39.01 -25.50
C THR C 6 7.56 37.72 -26.04
N ALA C 7 7.43 36.63 -25.25
CA ALA C 7 8.04 35.37 -25.63
C ALA C 7 7.16 34.54 -26.57
N SER C 8 5.90 34.91 -26.74
CA SER C 8 4.99 34.10 -27.54
C SER C 8 5.54 33.89 -28.96
N ILE C 9 6.16 34.93 -29.52
CA ILE C 9 6.72 34.80 -30.87
C ILE C 9 7.80 33.74 -30.88
N ALA C 10 8.68 33.75 -29.88
CA ALA C 10 9.77 32.77 -29.83
C ALA C 10 9.21 31.37 -29.62
N GLN C 11 8.36 31.20 -28.60
CA GLN C 11 7.81 29.88 -28.30
C GLN C 11 7.16 29.28 -29.53
N ALA C 12 6.27 30.02 -30.17
CA ALA C 12 5.64 29.54 -31.40
C ALA C 12 6.69 29.12 -32.41
N ARG C 13 7.70 29.98 -32.64
CA ARG C 13 8.78 29.60 -33.55
C ARG C 13 9.49 28.36 -33.02
N LYS C 14 9.79 28.32 -31.72
CA LYS C 14 10.39 27.14 -31.13
C LYS C 14 9.54 25.91 -31.42
N LEU C 15 8.22 26.07 -31.42
CA LEU C 15 7.34 24.97 -31.82
C LEU C 15 7.47 24.69 -33.31
N VAL C 16 7.40 25.73 -34.14
CA VAL C 16 7.33 25.54 -35.58
C VAL C 16 8.53 24.74 -36.07
N GLU C 17 9.73 25.18 -35.70
CA GLU C 17 10.93 24.46 -36.11
C GLU C 17 10.88 23.01 -35.68
N GLN C 18 10.43 22.76 -34.44
CA GLN C 18 10.31 21.37 -34.00
C GLN C 18 9.41 20.58 -34.94
N LEU C 19 8.24 21.16 -35.28
CA LEU C 19 7.36 20.50 -36.23
C LEU C 19 8.08 20.22 -37.55
N LYS C 20 8.88 21.18 -38.01
CA LYS C 20 9.64 20.95 -39.23
C LYS C 20 10.52 19.71 -39.07
N MET C 21 11.23 19.61 -37.95
CA MET C 21 12.12 18.48 -37.75
C MET C 21 11.34 17.17 -37.65
N GLU C 22 10.04 17.26 -37.39
CA GLU C 22 9.20 16.07 -37.37
C GLU C 22 8.62 15.77 -38.75
N ALA C 23 8.44 16.79 -39.59
CA ALA C 23 7.81 16.58 -40.88
C ALA C 23 8.75 15.87 -41.85
N ASN C 24 10.05 16.14 -41.73
CA ASN C 24 11.03 15.63 -42.67
C ASN C 24 11.75 14.37 -42.19
N ILE C 25 11.08 13.53 -41.38
CA ILE C 25 11.69 12.27 -40.98
C ILE C 25 11.30 11.16 -41.95
N ASP C 26 12.16 10.15 -42.04
CA ASP C 26 11.88 9.02 -42.91
C ASP C 26 10.86 8.09 -42.25
N ARG C 27 9.92 7.59 -43.06
CA ARG C 27 8.87 6.73 -42.58
C ARG C 27 8.78 5.49 -43.46
N ILE C 28 8.22 4.42 -42.89
CA ILE C 28 8.00 3.17 -43.60
C ILE C 28 6.51 2.88 -43.62
N LYS C 29 6.11 2.03 -44.55
CA LYS C 29 4.70 1.67 -44.66
C LYS C 29 4.26 0.87 -43.44
N VAL C 30 3.01 1.13 -43.01
CA VAL C 30 2.49 0.46 -41.83
C VAL C 30 2.49 -1.05 -42.03
N SER C 31 2.36 -1.50 -43.28
CA SER C 31 2.42 -2.93 -43.55
C SER C 31 3.77 -3.50 -43.13
N LYS C 32 4.86 -2.81 -43.46
CA LYS C 32 6.18 -3.27 -43.05
C LYS C 32 6.31 -3.28 -41.53
N ALA C 33 5.84 -2.24 -40.85
CA ALA C 33 5.94 -2.18 -39.40
C ALA C 33 5.20 -3.35 -38.76
N ALA C 34 3.98 -3.61 -39.23
CA ALA C 34 3.22 -4.74 -38.71
C ALA C 34 3.93 -6.06 -39.00
N ALA C 35 4.54 -6.18 -40.18
CA ALA C 35 5.24 -7.40 -40.53
C ALA C 35 6.42 -7.65 -39.59
N ASP C 36 7.21 -6.61 -39.31
CA ASP C 36 8.32 -6.78 -38.36
C ASP C 36 7.84 -7.09 -36.95
N LEU C 37 6.76 -6.44 -36.48
CA LEU C 37 6.26 -6.76 -35.15
C LEU C 37 5.81 -8.20 -35.07
N MET C 38 5.08 -8.66 -36.10
CA MET C 38 4.65 -10.07 -36.14
C MET C 38 5.84 -11.01 -36.19
N ALA C 39 6.85 -10.66 -36.98
CA ALA C 39 8.03 -11.52 -37.10
C ALA C 39 8.74 -11.62 -35.76
N TYR C 40 8.88 -10.51 -35.04
CA TYR C 40 9.51 -10.56 -33.74
C TYR C 40 8.71 -11.42 -32.77
N CYS C 41 7.39 -11.28 -32.77
CA CYS C 41 6.58 -12.09 -31.87
C CYS C 41 6.68 -13.57 -32.24
N GLU C 42 6.75 -13.88 -33.53
CA GLU C 42 6.83 -15.26 -33.97
C GLU C 42 8.18 -15.88 -33.61
N ALA C 43 9.26 -15.11 -33.77
CA ALA C 43 10.60 -15.64 -33.55
C ALA C 43 10.80 -16.03 -32.09
N HIS C 44 10.23 -15.25 -31.17
CA HIS C 44 10.47 -15.42 -29.74
C HIS C 44 9.28 -16.03 -29.00
N ALA C 45 8.36 -16.70 -29.71
CA ALA C 45 7.16 -17.23 -29.07
C ALA C 45 7.52 -18.26 -27.99
N LYS C 46 8.25 -19.31 -28.38
CA LYS C 46 8.55 -20.37 -27.43
C LYS C 46 9.53 -19.94 -26.35
N GLU C 47 10.13 -18.76 -26.50
CA GLU C 47 11.01 -18.21 -25.47
C GLU C 47 10.27 -17.41 -24.41
N ASP C 48 8.94 -17.34 -24.48
CA ASP C 48 8.16 -16.48 -23.60
C ASP C 48 7.39 -17.34 -22.61
N PRO C 49 7.80 -17.40 -21.33
CA PRO C 49 7.08 -18.23 -20.37
C PRO C 49 5.61 -17.88 -20.21
N LEU C 50 5.25 -16.60 -20.18
CA LEU C 50 3.84 -16.24 -20.02
C LEU C 50 3.02 -16.69 -21.23
N LEU C 51 3.56 -16.51 -22.43
CA LEU C 51 2.89 -17.00 -23.62
C LEU C 51 2.80 -18.52 -23.64
N THR C 52 3.89 -19.20 -23.30
CA THR C 52 3.96 -20.66 -23.33
C THR C 52 4.37 -21.11 -21.94
N PRO C 53 3.40 -21.36 -21.04
CA PRO C 53 3.74 -21.73 -19.67
C PRO C 53 4.72 -22.89 -19.58
N VAL C 54 5.83 -22.66 -18.89
CA VAL C 54 6.86 -23.70 -18.75
C VAL C 54 6.35 -24.79 -17.82
N PRO C 55 6.83 -26.03 -17.94
CA PRO C 55 6.43 -27.06 -16.98
C PRO C 55 6.87 -26.68 -15.56
N ALA C 56 6.11 -27.15 -14.58
CA ALA C 56 6.33 -26.74 -13.20
C ALA C 56 7.74 -27.04 -12.72
N SER C 57 8.40 -28.05 -13.31
CA SER C 57 9.77 -28.36 -12.90
C SER C 57 10.72 -27.19 -13.13
N GLU C 58 10.40 -26.30 -14.07
CA GLU C 58 11.26 -25.19 -14.41
C GLU C 58 10.75 -23.84 -13.91
N ASN C 59 9.50 -23.76 -13.47
CA ASN C 59 8.97 -22.51 -12.94
C ASN C 59 9.52 -22.28 -11.54
N PRO C 60 10.23 -21.17 -11.29
CA PRO C 60 10.73 -20.92 -9.93
C PRO C 60 9.67 -20.46 -8.95
N PHE C 61 8.53 -19.96 -9.44
CA PHE C 61 7.44 -19.51 -8.56
C PHE C 61 6.40 -20.62 -8.39
N ARG C 62 6.84 -21.76 -7.87
CA ARG C 62 5.95 -22.89 -7.67
C ARG C 62 5.00 -22.65 -6.50
N GLN D 3 -5.46 13.51 -32.48
CA GLN D 3 -5.25 14.89 -31.97
C GLN D 3 -6.54 15.45 -31.37
N VAL D 4 -6.54 15.64 -30.05
CA VAL D 4 -7.68 16.28 -29.40
C VAL D 4 -7.61 17.78 -29.68
N GLN D 5 -8.67 18.32 -30.28
CA GLN D 5 -8.69 19.74 -30.60
C GLN D 5 -10.10 20.29 -30.45
N LEU D 6 -10.16 21.54 -30.00
CA LEU D 6 -11.40 22.27 -29.82
C LEU D 6 -11.26 23.62 -30.51
N GLN D 7 -12.24 23.96 -31.35
CA GLN D 7 -12.15 25.17 -32.17
C GLN D 7 -13.38 26.02 -31.88
N GLU D 8 -13.18 27.17 -31.23
CA GLU D 8 -14.27 28.09 -30.97
C GLU D 8 -14.45 29.06 -32.13
N SER D 9 -15.70 29.41 -32.39
CA SER D 9 -16.07 30.33 -33.46
C SER D 9 -17.26 31.17 -33.00
N GLY D 10 -17.43 32.31 -33.65
CA GLY D 10 -18.38 33.29 -33.20
C GLY D 10 -17.71 34.26 -32.25
N GLY D 11 -18.27 35.45 -32.08
CA GLY D 11 -17.66 36.45 -31.23
C GLY D 11 -17.60 37.82 -31.88
N GLY D 12 -16.48 38.51 -31.70
CA GLY D 12 -16.32 39.82 -32.28
C GLY D 12 -16.91 40.91 -31.40
N LEU D 13 -17.24 42.03 -32.04
CA LEU D 13 -17.79 43.17 -31.33
C LEU D 13 -19.31 43.08 -31.27
N VAL D 14 -19.89 43.54 -30.16
CA VAL D 14 -21.33 43.57 -29.99
C VAL D 14 -21.69 44.74 -29.10
N GLN D 15 -22.88 45.29 -29.31
CA GLN D 15 -23.34 46.41 -28.51
C GLN D 15 -23.81 45.91 -27.14
N PRO D 16 -23.69 46.75 -26.10
CA PRO D 16 -24.21 46.35 -24.79
C PRO D 16 -25.69 46.02 -24.85
N GLY D 17 -26.09 44.97 -24.14
CA GLY D 17 -27.45 44.50 -24.19
C GLY D 17 -27.79 43.65 -25.41
N GLY D 18 -26.83 43.40 -26.28
CA GLY D 18 -27.06 42.60 -27.47
C GLY D 18 -27.00 41.11 -27.15
N SER D 19 -26.92 40.32 -28.23
CA SER D 19 -26.91 38.88 -28.13
C SER D 19 -25.81 38.33 -29.03
N LEU D 20 -25.33 37.13 -28.70
CA LEU D 20 -24.21 36.55 -29.41
C LEU D 20 -24.11 35.07 -29.07
N ARG D 21 -23.91 34.24 -30.09
CA ARG D 21 -23.84 32.80 -29.91
C ARG D 21 -22.42 32.32 -30.20
N LEU D 22 -21.77 31.75 -29.18
CA LEU D 22 -20.47 31.11 -29.37
C LEU D 22 -20.67 29.63 -29.66
N SER D 23 -19.86 29.10 -30.57
CA SER D 23 -19.89 27.70 -30.91
C SER D 23 -18.49 27.11 -30.76
N CYS D 24 -18.42 25.82 -30.49
CA CYS D 24 -17.15 25.11 -30.47
C CYS D 24 -17.33 23.77 -31.17
N ALA D 25 -16.46 23.50 -32.14
CA ALA D 25 -16.39 22.20 -32.78
C ALA D 25 -15.28 21.38 -32.14
N ALA D 26 -15.61 20.15 -31.75
CA ALA D 26 -14.70 19.28 -31.02
C ALA D 26 -14.33 18.08 -31.89
N SER D 27 -13.04 17.76 -31.93
CA SER D 27 -12.56 16.60 -32.67
C SER D 27 -11.44 15.93 -31.89
N GLY D 28 -11.19 14.67 -32.22
CA GLY D 28 -10.14 13.91 -31.56
C GLY D 28 -10.57 13.19 -30.31
N PHE D 29 -11.84 13.23 -29.95
CA PHE D 29 -12.34 12.47 -28.81
C PHE D 29 -13.85 12.28 -28.97
N THR D 30 -14.37 11.28 -28.29
CA THR D 30 -15.80 11.01 -28.32
C THR D 30 -16.53 12.06 -27.48
N PHE D 31 -17.19 12.99 -28.17
CA PHE D 31 -17.75 14.17 -27.51
C PHE D 31 -18.80 13.80 -26.46
N SER D 32 -19.48 12.67 -26.64
CA SER D 32 -20.58 12.32 -25.76
C SER D 32 -20.11 12.03 -24.34
N ASN D 33 -18.99 11.33 -24.21
CA ASN D 33 -18.57 10.88 -22.89
C ASN D 33 -18.10 12.01 -21.98
N TYR D 34 -17.73 13.16 -22.47
CA TYR D 34 -17.06 14.19 -21.67
C TYR D 34 -18.03 15.30 -21.29
N LYS D 35 -18.00 15.67 -20.02
CA LYS D 35 -18.67 16.88 -19.57
C LYS D 35 -17.93 18.11 -20.06
N MET D 36 -18.67 19.06 -20.64
CA MET D 36 -18.06 20.19 -21.34
C MET D 36 -18.23 21.46 -20.52
N ASN D 37 -17.34 22.42 -20.76
CA ASN D 37 -17.32 23.66 -19.99
C ASN D 37 -17.06 24.85 -20.91
N TRP D 38 -17.62 25.98 -20.54
CA TRP D 38 -17.25 27.27 -21.09
C TRP D 38 -16.51 28.05 -20.00
N VAL D 39 -15.30 28.50 -20.34
CA VAL D 39 -14.42 29.26 -19.45
C VAL D 39 -14.11 30.56 -20.17
N ARG D 40 -13.69 31.57 -19.42
CA ARG D 40 -13.35 32.84 -20.04
C ARG D 40 -12.26 33.54 -19.25
N GLN D 41 -11.57 34.45 -19.93
CA GLN D 41 -10.51 35.26 -19.32
C GLN D 41 -10.75 36.71 -19.72
N ALA D 42 -10.99 37.55 -18.73
CA ALA D 42 -11.18 38.98 -18.98
C ALA D 42 -9.84 39.69 -19.01
N PRO D 43 -9.76 40.86 -19.64
CA PRO D 43 -8.49 41.59 -19.69
C PRO D 43 -7.92 41.83 -18.31
N GLY D 44 -6.63 41.56 -18.15
CA GLY D 44 -5.97 41.74 -16.87
C GLY D 44 -6.60 40.92 -15.76
N LYS D 45 -6.96 39.68 -16.07
CA LYS D 45 -7.61 38.81 -15.09
C LYS D 45 -7.31 37.36 -15.45
N GLY D 46 -7.55 36.47 -14.49
CA GLY D 46 -7.33 35.06 -14.70
C GLY D 46 -8.54 34.36 -15.29
N LEU D 47 -8.32 33.15 -15.78
CA LEU D 47 -9.40 32.35 -16.32
C LEU D 47 -10.44 32.08 -15.24
N GLU D 48 -11.71 32.21 -15.61
CA GLU D 48 -12.82 31.96 -14.70
C GLU D 48 -13.84 31.06 -15.38
N TRP D 49 -14.33 30.08 -14.62
CA TRP D 49 -15.32 29.15 -15.15
C TRP D 49 -16.65 29.86 -15.34
N VAL D 50 -17.23 29.74 -16.52
CA VAL D 50 -18.50 30.38 -16.85
C VAL D 50 -19.66 29.42 -16.69
N SER D 51 -19.60 28.26 -17.35
CA SER D 51 -20.70 27.31 -17.23
C SER D 51 -20.20 25.93 -17.60
N ASP D 52 -21.03 24.93 -17.34
CA ASP D 52 -20.74 23.56 -17.75
C ASP D 52 -22.03 22.81 -18.02
N ILE D 53 -21.90 21.76 -18.84
CA ILE D 53 -23.01 20.91 -19.25
C ILE D 53 -22.53 19.47 -19.21
N SER D 54 -23.38 18.57 -18.71
CA SER D 54 -22.98 17.19 -18.51
C SER D 54 -22.91 16.44 -19.83
N GLN D 55 -22.67 15.12 -19.74
CA GLN D 55 -22.49 14.30 -20.93
C GLN D 55 -23.71 14.36 -21.84
N SER D 56 -24.89 14.09 -21.28
CA SER D 56 -26.11 14.04 -22.07
C SER D 56 -26.88 15.36 -22.07
N GLY D 57 -26.36 16.39 -21.41
CA GLY D 57 -27.05 17.66 -21.33
C GLY D 57 -28.09 17.75 -20.24
N ALA D 58 -28.27 16.70 -19.44
CA ALA D 58 -29.31 16.71 -18.40
C ALA D 58 -28.95 17.63 -17.24
N SER D 59 -27.68 17.76 -16.90
CA SER D 59 -27.24 18.60 -15.80
C SER D 59 -26.47 19.79 -16.34
N ILE D 60 -26.84 21.00 -15.91
CA ILE D 60 -26.25 22.23 -16.39
C ILE D 60 -25.92 23.10 -15.18
N SER D 61 -24.91 23.95 -15.34
CA SER D 61 -24.51 24.85 -14.27
C SER D 61 -23.94 26.13 -14.86
N TYR D 62 -24.20 27.25 -14.18
CA TYR D 62 -23.71 28.55 -14.60
C TYR D 62 -23.09 29.28 -13.41
N THR D 63 -22.20 30.21 -13.69
CA THR D 63 -21.70 31.11 -12.66
C THR D 63 -22.73 32.17 -12.35
N GLY D 64 -22.70 32.69 -11.12
CA GLY D 64 -23.73 33.60 -10.67
C GLY D 64 -23.88 34.84 -11.53
N SER D 65 -22.76 35.41 -11.97
CA SER D 65 -22.81 36.63 -12.77
C SER D 65 -23.43 36.41 -14.14
N VAL D 66 -23.61 35.15 -14.55
CA VAL D 66 -24.13 34.83 -15.86
C VAL D 66 -25.50 34.18 -15.82
N LYS D 67 -25.94 33.65 -14.69
CA LYS D 67 -27.18 32.90 -14.59
C LYS D 67 -28.35 33.68 -15.16
N GLY D 68 -29.15 33.02 -15.99
CA GLY D 68 -30.28 33.64 -16.64
C GLY D 68 -29.95 34.38 -17.91
N ARG D 69 -28.72 34.89 -18.06
CA ARG D 69 -28.35 35.64 -19.26
C ARG D 69 -27.83 34.71 -20.34
N PHE D 70 -26.87 33.85 -20.01
CA PHE D 70 -26.33 32.89 -20.96
C PHE D 70 -27.00 31.53 -20.76
N THR D 71 -27.03 30.74 -21.82
CA THR D 71 -27.52 29.38 -21.77
C THR D 71 -26.58 28.48 -22.56
N ILE D 72 -26.19 27.35 -21.95
CA ILE D 72 -25.24 26.41 -22.54
C ILE D 72 -26.01 25.24 -23.13
N SER D 73 -25.51 24.74 -24.26
CA SER D 73 -26.13 23.61 -24.95
C SER D 73 -25.04 22.76 -25.57
N ARG D 74 -25.37 21.52 -25.90
CA ARG D 74 -24.45 20.64 -26.58
C ARG D 74 -25.21 19.79 -27.59
N ASP D 75 -24.57 19.53 -28.73
CA ASP D 75 -25.07 18.62 -29.75
C ASP D 75 -24.05 17.49 -29.87
N ASN D 76 -24.40 16.34 -29.30
CA ASN D 76 -23.52 15.18 -29.37
C ASN D 76 -23.36 14.68 -30.80
N ALA D 77 -24.46 14.68 -31.57
CA ALA D 77 -24.40 14.21 -32.95
C ALA D 77 -23.47 15.08 -33.78
N LYS D 78 -23.52 16.40 -33.59
CA LYS D 78 -22.66 17.31 -34.33
C LYS D 78 -21.34 17.59 -33.62
N ASN D 79 -21.14 17.03 -32.42
CA ASN D 79 -19.89 17.23 -31.67
C ASN D 79 -19.65 18.72 -31.43
N THR D 80 -20.70 19.45 -31.06
CA THR D 80 -20.62 20.89 -30.94
C THR D 80 -21.09 21.34 -29.56
N LEU D 81 -20.52 22.45 -29.08
CA LEU D 81 -20.93 23.05 -27.81
C LEU D 81 -21.28 24.51 -28.04
N TYR D 82 -22.45 24.92 -27.55
CA TYR D 82 -22.98 26.25 -27.80
C TYR D 82 -23.13 27.02 -26.50
N LEU D 83 -22.86 28.33 -26.58
CA LEU D 83 -23.13 29.27 -25.50
C LEU D 83 -23.91 30.43 -26.11
N GLN D 84 -25.23 30.45 -25.87
CA GLN D 84 -26.06 31.54 -26.34
C GLN D 84 -26.12 32.61 -25.26
N MET D 85 -25.54 33.78 -25.53
CA MET D 85 -25.42 34.87 -24.57
C MET D 85 -26.40 35.97 -24.94
N ASN D 86 -27.20 36.40 -23.97
CA ASN D 86 -28.16 37.48 -24.16
C ASN D 86 -27.90 38.57 -23.13
N SER D 87 -28.20 39.81 -23.52
CA SER D 87 -28.02 40.97 -22.64
C SER D 87 -26.56 41.13 -22.25
N LEU D 88 -25.71 41.25 -23.27
CA LEU D 88 -24.28 41.36 -23.02
C LEU D 88 -23.96 42.63 -22.24
N LYS D 89 -22.96 42.54 -21.37
CA LYS D 89 -22.51 43.65 -20.55
C LYS D 89 -21.06 43.99 -20.89
N PRO D 90 -20.63 45.22 -20.64
CA PRO D 90 -19.21 45.55 -20.84
C PRO D 90 -18.28 44.70 -20.00
N GLU D 91 -18.76 44.19 -18.86
CA GLU D 91 -17.95 43.31 -18.03
C GLU D 91 -17.70 41.96 -18.71
N ASP D 92 -18.51 41.60 -19.69
CA ASP D 92 -18.38 40.32 -20.37
C ASP D 92 -17.31 40.32 -21.44
N THR D 93 -16.68 41.46 -21.71
CA THR D 93 -15.56 41.51 -22.64
C THR D 93 -14.46 40.57 -22.18
N ALA D 94 -14.15 39.55 -22.98
CA ALA D 94 -13.19 38.55 -22.57
C ALA D 94 -12.96 37.56 -23.72
N VAL D 95 -11.93 36.75 -23.58
CA VAL D 95 -11.72 35.64 -24.50
C VAL D 95 -12.39 34.40 -23.91
N TYR D 96 -13.24 33.77 -24.70
CA TYR D 96 -14.01 32.61 -24.26
C TYR D 96 -13.40 31.35 -24.84
N TYR D 97 -13.05 30.41 -23.96
CA TYR D 97 -12.49 29.12 -24.33
C TYR D 97 -13.52 28.04 -24.03
N CYS D 98 -13.51 27.00 -24.85
CA CYS D 98 -14.30 25.81 -24.58
C CYS D 98 -13.39 24.72 -24.03
N ALA D 99 -13.63 24.31 -22.79
CA ALA D 99 -12.83 23.31 -22.13
C ALA D 99 -13.64 22.02 -22.00
N ARG D 100 -12.97 20.95 -21.61
CA ARG D 100 -13.71 19.75 -21.37
C ARG D 100 -13.15 19.08 -20.17
N CYS D 101 -13.76 17.99 -19.76
CA CYS D 101 -13.27 17.20 -18.65
C CYS D 101 -11.98 16.48 -19.05
N PRO D 102 -10.99 16.39 -18.16
CA PRO D 102 -9.81 15.59 -18.49
C PRO D 102 -10.12 14.12 -18.73
N ALA D 103 -11.15 13.57 -18.08
CA ALA D 103 -11.46 12.16 -18.14
C ALA D 103 -12.86 11.92 -18.69
N PRO D 104 -13.12 10.74 -19.26
CA PRO D 104 -14.32 10.55 -20.09
C PRO D 104 -15.61 10.26 -19.34
N PHE D 105 -15.59 10.01 -18.03
CA PHE D 105 -16.83 9.73 -17.31
C PHE D 105 -16.91 10.37 -15.93
N THR D 106 -15.92 11.16 -15.54
CA THR D 106 -15.89 11.72 -14.19
C THR D 106 -16.91 12.83 -14.03
N ARG D 107 -17.33 13.06 -12.79
CA ARG D 107 -18.25 14.14 -12.48
C ARG D 107 -17.50 15.46 -12.24
N ASP D 108 -16.22 15.40 -11.90
CA ASP D 108 -15.48 16.58 -11.50
C ASP D 108 -14.60 17.11 -12.64
N CYS D 109 -14.09 18.32 -12.44
CA CYS D 109 -13.24 19.00 -13.42
C CYS D 109 -12.03 19.59 -12.71
N PHE D 110 -10.95 19.75 -13.48
CA PHE D 110 -9.74 20.45 -13.02
C PHE D 110 -9.20 21.30 -14.16
N ASP D 111 -10.09 22.04 -14.82
CA ASP D 111 -9.83 22.58 -16.15
C ASP D 111 -9.88 24.10 -16.27
N VAL D 112 -9.67 24.85 -15.19
CA VAL D 112 -9.56 26.31 -15.29
C VAL D 112 -8.13 26.79 -15.14
N THR D 113 -7.16 25.88 -15.20
CA THR D 113 -5.79 26.20 -14.85
C THR D 113 -5.12 27.05 -15.93
N SER D 114 -4.24 27.95 -15.50
CA SER D 114 -3.53 28.82 -16.42
C SER D 114 -2.39 28.10 -17.15
N THR D 115 -1.74 27.14 -16.50
CA THR D 115 -0.50 26.57 -17.02
C THR D 115 -0.80 25.60 -18.16
N THR D 116 -1.40 26.15 -19.21
CA THR D 116 -1.61 25.45 -20.47
C THR D 116 -2.38 24.14 -20.26
N TYR D 117 -3.62 24.28 -19.78
CA TYR D 117 -4.53 23.14 -19.77
C TYR D 117 -4.65 22.58 -21.17
N ALA D 118 -4.51 21.26 -21.28
CA ALA D 118 -4.31 20.65 -22.60
C ALA D 118 -5.61 20.52 -23.39
N TYR D 119 -6.76 20.56 -22.72
CA TYR D 119 -8.02 20.21 -23.38
C TYR D 119 -8.97 21.40 -23.47
N ARG D 120 -8.45 22.57 -23.82
CA ARG D 120 -9.28 23.72 -24.15
C ARG D 120 -8.78 24.35 -25.44
N GLY D 121 -9.66 25.04 -26.13
CA GLY D 121 -9.34 25.64 -27.40
C GLY D 121 -8.55 26.93 -27.26
N GLN D 122 -8.31 27.57 -28.40
CA GLN D 122 -7.63 28.85 -28.39
C GLN D 122 -8.54 29.98 -27.94
N GLY D 123 -9.85 29.82 -28.11
CA GLY D 123 -10.81 30.79 -27.65
C GLY D 123 -11.12 31.85 -28.70
N THR D 124 -12.21 32.58 -28.45
CA THR D 124 -12.65 33.65 -29.31
C THR D 124 -12.87 34.92 -28.50
N GLN D 125 -12.47 36.06 -29.05
CA GLN D 125 -12.65 37.34 -28.37
C GLN D 125 -14.11 37.76 -28.47
N VAL D 126 -14.67 38.20 -27.34
CA VAL D 126 -15.99 38.82 -27.29
C VAL D 126 -15.80 40.20 -26.69
N THR D 127 -16.17 41.23 -27.45
CA THR D 127 -16.00 42.62 -27.03
C THR D 127 -17.38 43.26 -26.92
N VAL D 128 -17.62 43.96 -25.82
CA VAL D 128 -18.86 44.69 -25.59
C VAL D 128 -18.50 46.15 -25.35
N SER D 129 -18.97 47.03 -26.22
CA SER D 129 -18.66 48.44 -26.11
C SER D 129 -19.65 49.23 -26.96
N SER D 130 -20.09 50.37 -26.44
CA SER D 130 -21.02 51.23 -27.15
C SER D 130 -20.27 52.22 -28.03
N ALA E 187 -45.34 -36.34 24.93
CA ALA E 187 -44.67 -36.63 23.64
C ALA E 187 -44.62 -35.40 22.72
N PRO E 188 -45.78 -34.83 22.38
CA PRO E 188 -45.78 -33.69 21.45
C PRO E 188 -44.96 -32.50 21.95
N LEU E 189 -44.97 -32.23 23.26
CA LEU E 189 -44.21 -31.10 23.79
C LEU E 189 -42.72 -31.29 23.54
N LEU E 190 -42.18 -32.44 23.97
CA LEU E 190 -40.76 -32.69 23.75
C LEU E 190 -40.45 -32.84 22.27
N ALA E 191 -41.40 -33.33 21.48
CA ALA E 191 -41.19 -33.41 20.04
C ALA E 191 -41.00 -32.02 19.44
N GLY E 192 -41.85 -31.07 19.84
CA GLY E 192 -41.70 -29.71 19.37
C GLY E 192 -40.41 -29.08 19.85
N VAL E 193 -40.05 -29.32 21.11
CA VAL E 193 -38.78 -28.82 21.63
C VAL E 193 -37.63 -29.35 20.79
N THR E 194 -37.64 -30.66 20.51
CA THR E 194 -36.57 -31.26 19.74
C THR E 194 -36.51 -30.68 18.33
N ALA E 195 -37.67 -30.51 17.69
CA ALA E 195 -37.69 -29.97 16.34
C ALA E 195 -37.12 -28.55 16.30
N THR E 196 -37.57 -27.71 17.22
CA THR E 196 -37.00 -26.36 17.31
C THR E 196 -35.51 -26.42 17.58
N CYS E 197 -35.07 -27.40 18.35
CA CYS E 197 -33.65 -27.51 18.68
C CYS E 197 -32.83 -27.91 17.47
N VAL E 198 -33.35 -28.81 16.62
CA VAL E 198 -32.63 -29.15 15.39
C VAL E 198 -32.61 -27.96 14.45
N ALA E 199 -33.70 -27.21 14.36
CA ALA E 199 -33.69 -26.02 13.51
C ALA E 199 -32.63 -25.02 14.00
N LEU E 200 -32.62 -24.77 15.31
CA LEU E 200 -31.60 -23.90 15.87
C LEU E 200 -30.21 -24.47 15.65
N PHE E 201 -30.08 -25.79 15.72
CA PHE E 201 -28.80 -26.44 15.49
C PHE E 201 -28.27 -26.11 14.10
N VAL E 202 -29.09 -26.33 13.08
CA VAL E 202 -28.63 -26.10 11.71
C VAL E 202 -28.34 -24.61 11.49
N VAL E 203 -29.23 -23.74 11.98
CA VAL E 203 -29.04 -22.31 11.75
C VAL E 203 -27.77 -21.82 12.43
N GLY E 204 -27.58 -22.18 13.71
CA GLY E 204 -26.42 -21.72 14.44
C GLY E 204 -25.13 -22.31 13.91
N ILE E 205 -25.15 -23.59 13.52
CA ILE E 205 -23.97 -24.20 12.95
C ILE E 205 -23.58 -23.47 11.67
N ALA E 206 -24.57 -23.20 10.81
CA ALA E 206 -24.28 -22.48 9.57
C ALA E 206 -23.70 -21.11 9.85
N GLY E 207 -24.33 -20.36 10.76
CA GLY E 207 -23.85 -19.01 11.04
C GLY E 207 -22.45 -19.00 11.63
N ASN E 208 -22.19 -19.87 12.60
CA ASN E 208 -20.87 -19.90 13.24
C ASN E 208 -19.80 -20.34 12.25
N LEU E 209 -20.06 -21.39 11.47
CA LEU E 209 -19.09 -21.81 10.46
C LEU E 209 -18.85 -20.70 9.45
N LEU E 210 -19.92 -19.97 9.08
CA LEU E 210 -19.74 -18.84 8.17
C LEU E 210 -18.81 -17.80 8.78
N THR E 211 -19.01 -17.49 10.06
CA THR E 211 -18.13 -16.51 10.71
C THR E 211 -16.68 -16.97 10.66
N MET E 212 -16.42 -18.22 11.05
CA MET E 212 -15.03 -18.69 11.07
C MET E 212 -14.44 -18.67 9.67
N LEU E 213 -15.19 -19.16 8.69
CA LEU E 213 -14.68 -19.25 7.32
C LEU E 213 -14.40 -17.87 6.75
N VAL E 214 -15.28 -16.90 7.04
CA VAL E 214 -15.07 -15.54 6.54
C VAL E 214 -13.85 -14.92 7.18
N VAL E 215 -13.72 -15.04 8.52
CA VAL E 215 -12.57 -14.45 9.19
C VAL E 215 -11.28 -15.14 8.76
N SER E 216 -11.35 -16.39 8.33
CA SER E 216 -10.15 -17.10 7.91
C SER E 216 -9.76 -16.74 6.48
N ARG E 217 -10.68 -16.92 5.53
CA ARG E 217 -10.34 -16.75 4.12
C ARG E 217 -10.01 -15.30 3.80
N PHE E 218 -10.85 -14.36 4.25
CA PHE E 218 -10.63 -12.94 4.00
C PHE E 218 -9.86 -12.38 5.18
N ARG E 219 -8.53 -12.50 5.12
CA ARG E 219 -7.72 -12.05 6.24
C ARG E 219 -7.77 -10.55 6.44
N GLU E 220 -8.33 -9.80 5.48
CA GLU E 220 -8.56 -8.37 5.69
C GLU E 220 -9.54 -8.12 6.82
N LEU E 221 -10.44 -9.08 7.08
CA LEU E 221 -11.44 -8.96 8.13
C LEU E 221 -10.94 -9.42 9.49
N ARG E 222 -9.63 -9.60 9.67
CA ARG E 222 -9.11 -10.06 10.95
C ARG E 222 -8.89 -8.90 11.89
N THR E 223 -9.92 -8.09 12.09
CA THR E 223 -9.87 -7.04 13.09
C THR E 223 -10.09 -7.64 14.49
N THR E 224 -9.81 -6.84 15.52
CA THR E 224 -9.98 -7.32 16.88
C THR E 224 -11.42 -7.79 17.12
N THR E 225 -12.39 -7.01 16.66
CA THR E 225 -13.79 -7.41 16.80
C THR E 225 -14.02 -8.78 16.18
N ASN E 226 -13.44 -9.03 15.00
CA ASN E 226 -13.64 -10.31 14.34
C ASN E 226 -12.84 -11.43 15.01
N LEU E 227 -11.73 -11.12 15.68
CA LEU E 227 -11.10 -12.15 16.51
C LEU E 227 -12.00 -12.56 17.66
N TYR E 228 -12.60 -11.57 18.35
CA TYR E 228 -13.55 -11.90 19.40
C TYR E 228 -14.71 -12.71 18.85
N LEU E 229 -15.23 -12.33 17.68
CA LEU E 229 -16.38 -13.01 17.11
C LEU E 229 -16.02 -14.40 16.61
N SER E 230 -14.79 -14.63 16.17
CA SER E 230 -14.37 -15.98 15.81
C SER E 230 -14.23 -16.86 17.05
N SER E 231 -13.70 -16.31 18.13
CA SER E 231 -13.65 -17.06 19.39
C SER E 231 -15.06 -17.42 19.85
N MET E 232 -15.98 -16.46 19.78
CA MET E 232 -17.35 -16.74 20.20
C MET E 232 -18.03 -17.71 19.24
N ALA E 233 -17.69 -17.65 17.95
CA ALA E 233 -18.23 -18.61 17.00
C ALA E 233 -17.76 -20.02 17.34
N PHE E 234 -16.49 -20.17 17.72
CA PHE E 234 -16.00 -21.47 18.17
C PHE E 234 -16.75 -21.93 19.41
N SER E 235 -16.94 -21.02 20.38
CA SER E 235 -17.69 -21.38 21.58
C SER E 235 -19.08 -21.89 21.24
N ASP E 236 -19.80 -21.13 20.40
CA ASP E 236 -21.16 -21.52 20.04
C ASP E 236 -21.19 -22.79 19.23
N LEU E 237 -20.19 -23.01 18.37
CA LEU E 237 -20.11 -24.24 17.60
C LEU E 237 -19.95 -25.44 18.51
N LEU E 238 -19.09 -25.32 19.54
CA LEU E 238 -18.96 -26.41 20.50
C LEU E 238 -20.23 -26.62 21.30
N ILE E 239 -20.92 -25.54 21.69
CA ILE E 239 -22.21 -25.68 22.36
C ILE E 239 -23.16 -26.49 21.49
N PHE E 240 -23.25 -26.15 20.20
CA PHE E 240 -24.17 -26.87 19.34
C PHE E 240 -23.77 -28.32 19.17
N LEU E 241 -22.47 -28.58 18.98
CA LEU E 241 -22.02 -29.96 18.86
C LEU E 241 -22.31 -30.76 20.12
N CYS E 242 -22.38 -30.10 21.28
CA CYS E 242 -22.81 -30.76 22.50
C CYS E 242 -24.33 -30.83 22.61
N MET E 243 -25.06 -30.06 21.80
CA MET E 243 -26.51 -30.07 21.90
C MET E 243 -27.13 -31.47 21.87
N PRO E 244 -26.72 -32.40 21.01
CA PRO E 244 -27.43 -33.70 20.95
C PRO E 244 -27.36 -34.50 22.25
N LEU E 245 -26.16 -34.65 22.81
CA LEU E 245 -26.02 -35.38 24.06
C LEU E 245 -26.72 -34.66 25.21
N ASP E 246 -26.94 -33.34 25.10
CA ASP E 246 -27.72 -32.65 26.10
C ASP E 246 -29.20 -33.00 25.91
N LEU E 247 -29.64 -33.02 24.66
CA LEU E 247 -31.06 -33.22 24.34
C LEU E 247 -31.51 -34.64 24.68
N VAL E 248 -30.60 -35.61 24.63
CA VAL E 248 -30.99 -36.98 24.95
C VAL E 248 -31.58 -37.03 26.36
N ARG E 249 -31.13 -36.15 27.25
CA ARG E 249 -31.67 -36.10 28.60
C ARG E 249 -33.12 -35.65 28.65
N LEU E 250 -33.63 -35.04 27.57
CA LEU E 250 -35.04 -34.71 27.45
C LEU E 250 -35.80 -35.72 26.62
N TRP E 251 -35.18 -36.20 25.54
CA TRP E 251 -35.78 -37.25 24.72
C TRP E 251 -36.02 -38.51 25.55
N GLN E 252 -35.03 -38.92 26.35
CA GLN E 252 -35.20 -39.89 27.43
C GLN E 252 -35.73 -41.25 26.97
N TYR E 253 -35.43 -41.68 25.75
CA TYR E 253 -35.91 -42.98 25.29
C TYR E 253 -35.06 -44.10 25.83
N ARG E 254 -33.85 -43.77 26.24
CA ARG E 254 -32.90 -44.70 26.81
C ARG E 254 -32.27 -44.00 28.00
N PRO E 255 -31.83 -44.82 28.98
CA PRO E 255 -31.11 -44.16 30.04
C PRO E 255 -29.72 -43.75 29.56
N TRP E 256 -28.95 -43.11 30.40
CA TRP E 256 -27.58 -42.65 30.10
C TRP E 256 -26.68 -43.88 30.19
N ASN E 257 -26.70 -44.65 29.10
CA ASN E 257 -25.86 -45.83 28.96
C ASN E 257 -24.44 -45.47 28.54
N PHE E 258 -24.16 -44.20 28.29
CA PHE E 258 -22.84 -43.81 27.82
C PHE E 258 -21.84 -43.84 28.97
N GLY E 259 -20.56 -43.94 28.61
CA GLY E 259 -19.53 -44.16 29.61
C GLY E 259 -19.43 -43.00 30.59
N ASP E 260 -19.11 -43.32 31.84
CA ASP E 260 -18.82 -42.30 32.83
C ASP E 260 -17.51 -41.60 32.48
N LEU E 261 -17.40 -40.34 32.93
CA LEU E 261 -16.28 -39.46 32.58
C LEU E 261 -16.43 -38.95 31.16
N LEU E 262 -17.43 -39.46 30.42
CA LEU E 262 -17.83 -38.81 29.18
C LEU E 262 -18.93 -37.80 29.45
N CYS E 263 -19.81 -38.09 30.41
CA CYS E 263 -20.79 -37.11 30.86
C CYS E 263 -20.10 -35.88 31.42
N LYS E 264 -19.05 -36.10 32.23
CA LYS E 264 -18.34 -34.98 32.82
C LYS E 264 -17.63 -34.15 31.75
N LEU E 265 -17.00 -34.80 30.78
CA LEU E 265 -16.37 -34.06 29.69
C LEU E 265 -17.41 -33.25 28.92
N PHE E 266 -18.55 -33.86 28.62
CA PHE E 266 -19.61 -33.16 27.91
C PHE E 266 -20.09 -31.94 28.68
N GLN E 267 -20.42 -32.11 29.96
CA GLN E 267 -20.89 -30.99 30.76
C GLN E 267 -19.83 -29.91 30.87
N PHE E 268 -18.57 -30.32 31.04
CA PHE E 268 -17.48 -29.36 31.15
C PHE E 268 -17.33 -28.55 29.87
N VAL E 269 -17.42 -29.20 28.71
CA VAL E 269 -17.31 -28.48 27.44
C VAL E 269 -18.46 -27.49 27.32
N SER E 270 -19.68 -27.94 27.61
CA SER E 270 -20.83 -27.04 27.49
C SER E 270 -20.67 -25.83 28.39
N GLU E 271 -20.32 -26.05 29.66
CA GLU E 271 -20.20 -24.95 30.62
C GLU E 271 -19.06 -24.01 30.24
N SER E 272 -17.92 -24.57 29.82
CA SER E 272 -16.78 -23.74 29.46
C SER E 272 -17.11 -22.87 28.27
N CYS E 273 -17.76 -23.44 27.25
CA CYS E 273 -18.13 -22.64 26.10
C CYS E 273 -19.18 -21.59 26.45
N THR E 274 -20.11 -21.92 27.35
CA THR E 274 -21.08 -20.94 27.80
C THR E 274 -20.40 -19.72 28.42
N TYR E 275 -19.51 -19.99 29.38
CA TYR E 275 -18.80 -18.90 30.05
C TYR E 275 -17.91 -18.13 29.07
N ALA E 276 -17.27 -18.83 28.14
CA ALA E 276 -16.44 -18.16 27.15
C ALA E 276 -17.27 -17.23 26.27
N THR E 277 -18.44 -17.68 25.83
CA THR E 277 -19.30 -16.83 25.01
C THR E 277 -19.74 -15.59 25.80
N VAL E 278 -20.14 -15.79 27.05
CA VAL E 278 -20.59 -14.66 27.86
C VAL E 278 -19.47 -13.65 28.05
N LEU E 279 -18.27 -14.14 28.38
CA LEU E 279 -17.15 -13.22 28.61
C LEU E 279 -16.69 -12.55 27.33
N THR E 280 -16.77 -13.22 26.19
CA THR E 280 -16.44 -12.56 24.93
C THR E 280 -17.46 -11.50 24.57
N ILE E 281 -18.73 -11.73 24.91
CA ILE E 281 -19.74 -10.69 24.73
C ILE E 281 -19.40 -9.48 25.58
N THR E 282 -19.01 -9.72 26.83
CA THR E 282 -18.60 -8.60 27.69
C THR E 282 -17.39 -7.87 27.12
N ALA E 283 -16.41 -8.61 26.61
CA ALA E 283 -15.22 -7.99 26.03
C ALA E 283 -15.59 -7.15 24.81
N LEU E 284 -16.48 -7.66 23.96
CA LEU E 284 -16.96 -6.87 22.82
C LEU E 284 -17.65 -5.60 23.28
N SER E 285 -18.47 -5.70 24.34
CA SER E 285 -19.12 -4.50 24.86
C SER E 285 -18.09 -3.46 25.28
N VAL E 286 -17.08 -3.86 26.04
CA VAL E 286 -16.07 -2.90 26.49
C VAL E 286 -15.31 -2.32 25.31
N GLU E 287 -14.95 -3.17 24.35
CA GLU E 287 -14.19 -2.71 23.19
C GLU E 287 -15.00 -1.70 22.37
N ARG E 288 -16.28 -1.98 22.15
CA ARG E 288 -17.13 -1.05 21.42
C ARG E 288 -17.30 0.25 22.19
N TYR E 289 -17.42 0.17 23.51
CA TYR E 289 -17.52 1.39 24.30
C TYR E 289 -16.29 2.26 24.11
N PHE E 290 -15.10 1.66 24.17
CA PHE E 290 -13.89 2.44 23.97
C PHE E 290 -13.79 2.97 22.54
N ALA E 291 -14.29 2.21 21.57
CA ALA E 291 -14.20 2.63 20.18
C ALA E 291 -15.12 3.81 19.89
N ILE E 292 -16.31 3.83 20.49
CA ILE E 292 -17.33 4.81 20.17
C ILE E 292 -17.27 6.03 21.08
N CYS E 293 -17.03 5.84 22.37
CA CYS E 293 -16.99 6.95 23.30
C CYS E 293 -15.61 7.60 23.41
N PHE E 294 -14.56 6.92 22.95
CA PHE E 294 -13.22 7.49 22.91
C PHE E 294 -12.56 7.13 21.59
N PRO E 295 -13.04 7.68 20.48
CA PRO E 295 -12.55 7.24 19.17
C PRO E 295 -11.06 7.39 18.97
N LEU E 296 -10.45 8.48 19.47
CA LEU E 296 -9.05 8.78 19.22
C LEU E 296 -8.12 8.29 20.33
N ARG E 297 -8.66 7.77 21.43
CA ARG E 297 -7.81 7.35 22.53
C ARG E 297 -7.05 6.10 22.17
N ALA E 298 -5.74 6.11 22.44
CA ALA E 298 -4.91 4.94 22.17
C ALA E 298 -5.08 3.91 23.29
N LYS E 299 -5.21 2.65 22.90
CA LYS E 299 -5.46 1.57 23.85
C LYS E 299 -4.16 1.20 24.56
N VAL E 300 -4.15 1.28 25.88
CA VAL E 300 -2.94 1.02 26.65
C VAL E 300 -2.94 -0.41 27.19
N VAL E 301 -3.94 -0.74 28.01
CA VAL E 301 -3.94 -2.03 28.69
C VAL E 301 -4.10 -3.17 27.68
N VAL E 302 -4.98 -3.02 26.69
CA VAL E 302 -5.18 -4.04 25.67
C VAL E 302 -4.92 -3.44 24.30
N THR E 303 -3.68 -3.57 23.81
CA THR E 303 -3.38 -3.17 22.45
C THR E 303 -3.81 -4.28 21.49
N LYS E 304 -3.79 -3.96 20.19
CA LYS E 304 -4.27 -4.90 19.19
C LYS E 304 -3.60 -6.26 19.36
N GLY E 305 -2.26 -6.28 19.43
CA GLY E 305 -1.56 -7.54 19.56
C GLY E 305 -1.96 -8.32 20.80
N ARG E 306 -2.23 -7.61 21.90
CA ARG E 306 -2.62 -8.26 23.14
C ARG E 306 -4.08 -8.72 23.15
N VAL E 307 -4.85 -8.42 22.11
CA VAL E 307 -6.22 -8.91 22.04
C VAL E 307 -6.25 -10.43 22.17
N LYS E 308 -5.37 -11.12 21.43
CA LYS E 308 -5.26 -12.55 21.58
C LYS E 308 -5.08 -12.92 23.05
N LEU E 309 -4.18 -12.24 23.75
CA LEU E 309 -3.99 -12.50 25.17
C LEU E 309 -5.31 -12.44 25.90
N VAL E 310 -6.09 -11.38 25.68
CA VAL E 310 -7.38 -11.26 26.36
C VAL E 310 -8.22 -12.51 26.11
N ILE E 311 -8.31 -12.93 24.84
CA ILE E 311 -9.10 -14.12 24.54
C ILE E 311 -8.61 -15.29 25.38
N PHE E 312 -7.30 -15.49 25.45
CA PHE E 312 -6.76 -16.62 26.19
C PHE E 312 -7.14 -16.52 27.67
N VAL E 313 -7.17 -15.31 28.22
CA VAL E 313 -7.63 -15.17 29.60
C VAL E 313 -9.08 -15.60 29.72
N ILE E 314 -9.93 -15.15 28.80
CA ILE E 314 -11.34 -15.53 28.84
C ILE E 314 -11.45 -17.05 28.89
N TRP E 315 -10.94 -17.72 27.86
CA TRP E 315 -11.01 -19.18 27.83
C TRP E 315 -10.39 -19.80 29.07
N ALA E 316 -9.39 -19.15 29.66
CA ALA E 316 -8.84 -19.65 30.91
C ALA E 316 -9.89 -19.65 32.01
N VAL E 317 -10.48 -18.47 32.26
CA VAL E 317 -11.47 -18.36 33.33
C VAL E 317 -12.63 -19.30 33.05
N ALA E 318 -13.12 -19.30 31.81
CA ALA E 318 -14.22 -20.19 31.44
C ALA E 318 -13.90 -21.62 31.85
N PHE E 319 -12.66 -22.06 31.65
CA PHE E 319 -12.29 -23.41 32.07
C PHE E 319 -12.26 -23.52 33.59
N CYS E 320 -11.60 -22.58 34.26
CA CYS E 320 -11.46 -22.67 35.71
C CYS E 320 -12.83 -22.68 36.38
N SER E 321 -13.67 -21.69 36.06
CA SER E 321 -15.02 -21.64 36.60
C SER E 321 -15.84 -22.87 36.23
N ALA E 322 -15.49 -23.56 35.15
CA ALA E 322 -16.21 -24.76 34.76
C ALA E 322 -15.61 -26.02 35.35
N GLY E 323 -14.46 -25.92 36.01
CA GLY E 323 -13.83 -27.09 36.60
C GLY E 323 -14.65 -27.83 37.62
N PRO E 324 -15.36 -27.13 38.52
CA PRO E 324 -16.14 -27.84 39.55
C PRO E 324 -17.21 -28.76 38.99
N ILE E 325 -17.61 -28.60 37.73
CA ILE E 325 -18.58 -29.52 37.13
C ILE E 325 -18.14 -30.95 37.34
N PHE E 326 -16.84 -31.20 37.28
CA PHE E 326 -16.35 -32.58 37.38
C PHE E 326 -16.77 -33.23 38.69
N VAL E 327 -16.90 -32.45 39.75
CA VAL E 327 -17.34 -32.98 41.04
C VAL E 327 -18.85 -32.90 41.20
N LEU E 328 -19.52 -32.03 40.43
CA LEU E 328 -20.91 -31.71 40.70
C LEU E 328 -21.86 -32.71 40.02
N VAL E 329 -21.61 -33.00 38.74
CA VAL E 329 -22.52 -33.80 37.94
C VAL E 329 -21.93 -35.20 37.77
N GLY E 330 -22.81 -36.20 37.74
CA GLY E 330 -22.36 -37.57 37.56
C GLY E 330 -23.52 -38.46 37.22
N VAL E 331 -23.20 -39.73 37.01
CA VAL E 331 -24.23 -40.72 36.68
C VAL E 331 -24.91 -41.20 37.94
N GLU E 332 -26.24 -41.11 37.96
CA GLU E 332 -27.04 -41.58 39.08
C GLU E 332 -28.22 -42.38 38.53
N HIS E 333 -28.65 -43.37 39.30
CA HIS E 333 -29.73 -44.26 38.87
C HIS E 333 -30.60 -44.60 40.06
N ASP E 341 -30.96 -49.58 33.83
CA ASP E 341 -32.40 -49.35 33.78
C ASP E 341 -32.76 -47.88 33.95
N THR E 342 -32.01 -47.14 34.79
CA THR E 342 -32.35 -45.75 35.04
C THR E 342 -31.13 -44.83 35.12
N ASN E 343 -30.06 -45.10 34.38
CA ASN E 343 -28.91 -44.20 34.39
C ASN E 343 -29.31 -42.82 33.87
N GLU E 344 -28.85 -41.79 34.57
CA GLU E 344 -29.19 -40.41 34.24
C GLU E 344 -28.05 -39.51 34.69
N CYS E 345 -27.77 -38.49 33.89
CA CYS E 345 -26.70 -37.53 34.18
C CYS E 345 -27.32 -36.29 34.77
N ARG E 346 -26.86 -35.90 35.96
CA ARG E 346 -27.37 -34.74 36.67
C ARG E 346 -26.44 -34.43 37.82
N PRO E 347 -26.61 -33.27 38.47
CA PRO E 347 -25.84 -33.00 39.68
C PRO E 347 -26.00 -34.13 40.69
N THR E 348 -24.86 -34.65 41.15
CA THR E 348 -24.87 -35.81 42.04
C THR E 348 -25.52 -35.46 43.37
N GLU E 349 -26.18 -36.45 43.97
CA GLU E 349 -26.80 -36.23 45.27
C GLU E 349 -25.77 -35.81 46.31
N PHE E 350 -24.51 -36.22 46.13
CA PHE E 350 -23.42 -35.70 46.94
C PHE E 350 -23.43 -34.18 46.89
N ALA E 351 -23.52 -33.62 45.68
CA ALA E 351 -23.53 -32.17 45.53
C ALA E 351 -24.75 -31.55 46.20
N VAL E 352 -25.92 -32.16 46.04
CA VAL E 352 -27.15 -31.59 46.59
C VAL E 352 -27.10 -31.55 48.11
N ARG E 353 -26.83 -32.70 48.73
CA ARG E 353 -26.84 -32.76 50.19
C ARG E 353 -25.71 -31.94 50.79
N SER E 354 -24.62 -31.74 50.05
CA SER E 354 -23.49 -30.97 50.54
C SER E 354 -23.66 -29.47 50.35
N GLY E 355 -24.61 -29.03 49.54
CA GLY E 355 -24.84 -27.61 49.32
C GLY E 355 -23.95 -26.97 48.28
N LEU E 356 -23.10 -27.74 47.59
CA LEU E 356 -22.26 -27.15 46.55
C LEU E 356 -23.10 -26.70 45.36
N LEU E 357 -24.28 -27.30 45.16
CA LEU E 357 -25.12 -26.87 44.06
C LEU E 357 -25.55 -25.42 44.23
N THR E 358 -25.90 -25.02 45.46
CA THR E 358 -26.28 -23.64 45.71
C THR E 358 -25.10 -22.69 45.49
N VAL E 359 -23.92 -23.04 46.01
CA VAL E 359 -22.77 -22.15 45.86
C VAL E 359 -22.42 -22.00 44.38
N MET E 360 -22.58 -23.07 43.60
CA MET E 360 -22.16 -22.97 42.21
C MET E 360 -23.24 -22.27 41.39
N VAL E 361 -24.50 -22.38 41.80
CA VAL E 361 -25.55 -21.53 41.22
C VAL E 361 -25.17 -20.06 41.39
N TRP E 362 -24.80 -19.68 42.62
CA TRP E 362 -24.44 -18.29 42.86
C TRP E 362 -23.20 -17.90 42.07
N VAL E 363 -22.21 -18.80 41.98
CA VAL E 363 -21.00 -18.50 41.23
C VAL E 363 -21.33 -18.25 39.76
N SER E 364 -22.15 -19.12 39.17
CA SER E 364 -22.53 -18.94 37.78
C SER E 364 -23.40 -17.70 37.59
N SER E 365 -24.06 -17.26 38.67
CA SER E 365 -24.82 -16.02 38.61
C SER E 365 -23.93 -14.81 38.32
N ILE E 366 -22.63 -14.92 38.55
CA ILE E 366 -21.70 -13.84 38.18
C ILE E 366 -21.72 -13.65 36.68
N PHE E 367 -21.76 -14.75 35.91
CA PHE E 367 -21.73 -14.70 34.47
C PHE E 367 -23.10 -14.32 33.91
N PHE E 368 -23.98 -13.82 34.78
CA PHE E 368 -25.18 -13.13 34.34
C PHE E 368 -25.16 -11.69 34.83
N PHE E 369 -24.78 -11.50 36.10
CA PHE E 369 -24.79 -10.15 36.68
C PHE E 369 -23.76 -9.26 36.01
N LEU E 370 -22.50 -9.71 35.95
CA LEU E 370 -21.46 -8.88 35.33
C LEU E 370 -21.74 -8.60 33.87
N PRO E 371 -22.02 -9.61 33.03
CA PRO E 371 -22.35 -9.31 31.62
C PRO E 371 -23.54 -8.38 31.47
N VAL E 372 -24.60 -8.58 32.25
CA VAL E 372 -25.75 -7.70 32.16
C VAL E 372 -25.38 -6.28 32.58
N PHE E 373 -24.60 -6.16 33.65
CA PHE E 373 -24.18 -4.84 34.10
C PHE E 373 -23.39 -4.12 33.02
N CYS E 374 -22.44 -4.80 32.40
CA CYS E 374 -21.64 -4.17 31.34
C CYS E 374 -22.51 -3.83 30.14
N LEU E 375 -23.26 -4.80 29.61
CA LEU E 375 -24.06 -4.57 28.42
C LEU E 375 -25.18 -3.58 28.67
N THR E 376 -25.48 -3.26 29.93
CA THR E 376 -26.44 -2.21 30.22
C THR E 376 -25.73 -0.85 30.28
N VAL E 377 -24.75 -0.73 31.18
CA VAL E 377 -24.11 0.58 31.41
C VAL E 377 -23.42 1.06 30.13
N LEU E 378 -22.53 0.23 29.58
CA LEU E 378 -21.72 0.70 28.46
C LEU E 378 -22.55 0.92 27.21
N TYR E 379 -23.52 0.04 26.93
CA TYR E 379 -24.35 0.25 25.74
C TYR E 379 -25.33 1.40 25.93
N SER E 380 -25.79 1.67 27.16
CA SER E 380 -26.55 2.88 27.40
C SER E 380 -25.70 4.12 27.15
N LEU E 381 -24.44 4.11 27.57
CA LEU E 381 -23.57 5.25 27.30
C LEU E 381 -23.32 5.42 25.81
N ILE E 382 -23.12 4.32 25.08
CA ILE E 382 -22.92 4.39 23.64
C ILE E 382 -24.17 4.97 22.98
N GLY E 383 -25.35 4.48 23.38
CA GLY E 383 -26.59 5.01 22.84
C GLY E 383 -26.77 6.48 23.16
N ARG E 384 -26.36 6.90 24.35
CA ARG E 384 -26.45 8.30 24.73
C ARG E 384 -25.58 9.17 23.82
N LYS E 385 -24.32 8.76 23.63
CA LYS E 385 -23.42 9.55 22.80
C LYS E 385 -23.89 9.58 21.35
N LEU E 386 -24.37 8.45 20.84
CA LEU E 386 -24.80 8.41 19.45
C LEU E 386 -26.12 9.14 19.24
N TRP E 387 -26.97 9.19 20.27
CA TRP E 387 -28.27 9.84 20.12
C TRP E 387 -28.13 11.34 19.96
N ARG E 388 -27.15 11.93 20.63
CA ARG E 388 -26.92 13.37 20.55
C ARG E 388 -26.45 13.77 19.15
N ASN E 404 -29.63 6.62 10.31
CA ASN E 404 -28.57 7.30 11.03
C ASN E 404 -28.15 6.49 12.26
N HIS E 405 -27.70 7.18 13.32
CA HIS E 405 -27.29 6.49 14.53
C HIS E 405 -28.46 5.81 15.23
N LYS E 406 -29.70 6.15 14.88
CA LYS E 406 -30.85 5.56 15.55
C LYS E 406 -30.88 4.05 15.35
N GLN E 407 -30.55 3.57 14.16
CA GLN E 407 -30.51 2.12 13.93
C GLN E 407 -29.43 1.47 14.80
N THR E 408 -28.28 2.13 14.95
CA THR E 408 -27.22 1.59 15.79
C THR E 408 -27.70 1.46 17.24
N VAL E 409 -28.37 2.50 17.74
CA VAL E 409 -28.86 2.45 19.12
C VAL E 409 -29.92 1.36 19.26
N LYS E 410 -30.80 1.23 18.28
CA LYS E 410 -31.81 0.20 18.34
C LYS E 410 -31.19 -1.19 18.35
N MET E 411 -30.13 -1.40 17.56
CA MET E 411 -29.50 -2.71 17.54
C MET E 411 -28.77 -2.98 18.85
N LEU E 412 -28.17 -1.95 19.46
CA LEU E 412 -27.59 -2.15 20.79
C LEU E 412 -28.67 -2.57 21.79
N ALA E 413 -29.83 -1.92 21.73
CA ALA E 413 -30.93 -2.32 22.59
C ALA E 413 -31.35 -3.77 22.31
N VAL E 414 -31.38 -4.16 21.04
CA VAL E 414 -31.72 -5.54 20.69
C VAL E 414 -30.72 -6.50 21.30
N VAL E 415 -29.43 -6.17 21.22
CA VAL E 415 -28.40 -7.05 21.78
C VAL E 415 -28.60 -7.21 23.27
N VAL E 416 -28.79 -6.10 23.98
CA VAL E 416 -28.95 -6.18 25.43
C VAL E 416 -30.20 -6.98 25.79
N PHE E 417 -31.32 -6.72 25.09
CA PHE E 417 -32.55 -7.42 25.39
C PHE E 417 -32.42 -8.91 25.10
N ALA E 418 -31.75 -9.27 24.01
CA ALA E 418 -31.55 -10.67 23.69
C ALA E 418 -30.73 -11.37 24.77
N PHE E 419 -29.67 -10.71 25.22
CA PHE E 419 -28.87 -11.29 26.30
C PHE E 419 -29.73 -11.52 27.54
N ILE E 420 -30.49 -10.50 27.95
CA ILE E 420 -31.32 -10.66 29.14
C ILE E 420 -32.31 -11.79 28.95
N LEU E 421 -33.04 -11.77 27.82
CA LEU E 421 -34.06 -12.77 27.57
C LEU E 421 -33.49 -14.18 27.63
N CYS E 422 -32.33 -14.40 27.01
CA CYS E 422 -31.79 -15.75 26.94
C CYS E 422 -31.18 -16.20 28.27
N TRP E 423 -30.53 -15.29 29.01
CA TRP E 423 -29.72 -15.74 30.14
C TRP E 423 -30.38 -15.56 31.50
N LEU E 424 -31.35 -14.67 31.65
CA LEU E 424 -32.06 -14.61 32.93
C LEU E 424 -32.82 -15.89 33.22
N PRO E 425 -33.60 -16.45 32.29
CA PRO E 425 -34.26 -17.73 32.56
C PRO E 425 -33.27 -18.84 32.85
N PHE E 426 -32.11 -18.82 32.22
CA PHE E 426 -31.11 -19.87 32.43
C PHE E 426 -30.72 -19.95 33.90
N HIS E 427 -30.30 -18.82 34.48
CA HIS E 427 -29.86 -18.81 35.87
C HIS E 427 -31.03 -18.93 36.84
N VAL E 428 -32.19 -18.39 36.49
CA VAL E 428 -33.36 -18.59 37.33
C VAL E 428 -33.72 -20.06 37.41
N GLY E 429 -33.67 -20.76 36.29
CA GLY E 429 -33.95 -22.18 36.28
C GLY E 429 -32.93 -22.99 37.04
N ARG E 430 -31.66 -22.62 36.92
CA ARG E 430 -30.64 -23.31 37.70
C ARG E 430 -30.85 -23.11 39.20
N TYR E 431 -31.19 -21.89 39.61
CA TYR E 431 -31.47 -21.64 41.02
C TYR E 431 -32.69 -22.44 41.49
N LEU E 432 -33.74 -22.48 40.66
CA LEU E 432 -34.92 -23.25 41.01
C LEU E 432 -34.60 -24.73 41.11
N PHE E 433 -33.77 -25.25 40.22
CA PHE E 433 -33.34 -26.64 40.31
C PHE E 433 -32.58 -26.88 41.62
N SER E 434 -31.73 -25.94 42.00
CA SER E 434 -30.99 -26.06 43.26
C SER E 434 -31.96 -26.12 44.45
N LYS E 435 -32.98 -25.26 44.44
CA LYS E 435 -33.91 -25.19 45.56
C LYS E 435 -34.95 -26.31 45.52
N SER E 436 -35.10 -26.98 44.38
CA SER E 436 -36.12 -28.03 44.26
C SER E 436 -35.86 -29.20 45.19
N PHE E 437 -34.62 -29.37 45.65
CA PHE E 437 -34.28 -30.47 46.54
C PHE E 437 -34.59 -30.17 48.00
N GLU E 438 -35.07 -28.97 48.31
CA GLU E 438 -35.45 -28.65 49.68
C GLU E 438 -36.68 -29.45 50.09
N PRO E 439 -36.84 -29.72 51.38
CA PRO E 439 -37.98 -30.53 51.83
C PRO E 439 -39.31 -29.86 51.52
N GLY E 440 -40.25 -30.64 50.98
CA GLY E 440 -41.59 -30.15 50.73
C GLY E 440 -41.71 -29.04 49.71
N SER E 441 -40.67 -28.81 48.91
CA SER E 441 -40.73 -27.78 47.87
C SER E 441 -41.32 -28.30 46.57
N LEU E 442 -42.58 -28.75 46.60
CA LEU E 442 -43.19 -29.33 45.41
C LEU E 442 -43.55 -28.26 44.37
N GLU E 443 -43.87 -27.05 44.82
CA GLU E 443 -44.12 -25.97 43.88
C GLU E 443 -42.88 -25.68 43.04
N ILE E 444 -41.73 -25.59 43.70
CA ILE E 444 -40.48 -25.32 42.99
C ILE E 444 -40.17 -26.45 42.01
N ALA E 445 -40.37 -27.69 42.45
CA ALA E 445 -40.13 -28.84 41.57
C ALA E 445 -41.04 -28.78 40.35
N GLN E 446 -42.32 -28.47 40.56
CA GLN E 446 -43.26 -28.41 39.45
C GLN E 446 -42.84 -27.34 38.44
N ILE E 447 -42.55 -26.13 38.92
CA ILE E 447 -42.21 -25.05 38.00
C ILE E 447 -40.84 -25.27 37.37
N SER E 448 -39.98 -26.06 38.02
CA SER E 448 -38.62 -26.21 37.55
C SER E 448 -38.56 -26.92 36.20
N GLN E 449 -39.42 -27.91 35.98
CA GLN E 449 -39.39 -28.64 34.71
C GLN E 449 -39.65 -27.68 33.55
N TYR E 450 -40.70 -26.87 33.65
CA TYR E 450 -41.04 -25.96 32.56
C TYR E 450 -40.00 -24.85 32.43
N CYS E 451 -39.51 -24.33 33.57
CA CYS E 451 -38.47 -23.31 33.51
C CYS E 451 -37.22 -23.85 32.83
N ASN E 452 -36.84 -25.10 33.15
CA ASN E 452 -35.68 -25.72 32.53
C ASN E 452 -35.89 -25.94 31.04
N LEU E 453 -37.11 -26.34 30.64
CA LEU E 453 -37.40 -26.48 29.22
C LEU E 453 -37.20 -25.16 28.49
N VAL E 454 -37.78 -24.09 29.02
CA VAL E 454 -37.68 -22.78 28.37
C VAL E 454 -36.23 -22.31 28.37
N SER E 455 -35.51 -22.56 29.46
CA SER E 455 -34.09 -22.19 29.53
C SER E 455 -33.27 -22.96 28.51
N PHE E 456 -33.59 -24.24 28.31
CA PHE E 456 -32.97 -25.04 27.26
C PHE E 456 -33.12 -24.35 25.91
N VAL E 457 -34.37 -24.12 25.50
CA VAL E 457 -34.60 -23.58 24.17
C VAL E 457 -33.96 -22.22 24.04
N LEU E 458 -33.99 -21.40 25.10
CA LEU E 458 -33.42 -20.06 25.03
C LEU E 458 -31.90 -20.10 25.02
N PHE E 459 -31.28 -21.04 25.72
CA PHE E 459 -29.83 -21.22 25.67
C PHE E 459 -29.38 -21.50 24.25
N TYR E 460 -30.04 -22.45 23.59
CA TYR E 460 -29.62 -22.74 22.22
C TYR E 460 -30.04 -21.64 21.25
N LEU E 461 -31.11 -20.91 21.56
CA LEU E 461 -31.45 -19.74 20.76
C LEU E 461 -30.36 -18.68 20.86
N SER E 462 -29.82 -18.46 22.05
CA SER E 462 -28.69 -17.54 22.20
C SER E 462 -27.51 -18.00 21.36
N ALA E 463 -27.18 -19.29 21.45
CA ALA E 463 -26.10 -19.82 20.63
C ALA E 463 -26.36 -19.60 19.15
N ALA E 464 -27.62 -19.66 18.73
CA ALA E 464 -27.96 -19.51 17.31
C ALA E 464 -27.93 -18.05 16.86
N ILE E 465 -28.35 -17.12 17.73
CA ILE E 465 -28.49 -15.73 17.29
C ILE E 465 -27.18 -14.95 17.46
N ASN E 466 -26.31 -15.36 18.39
CA ASN E 466 -25.08 -14.59 18.61
C ASN E 466 -24.33 -14.29 17.32
N PRO E 467 -24.16 -15.23 16.39
CA PRO E 467 -23.55 -14.87 15.09
C PRO E 467 -24.39 -13.90 14.28
N ILE E 468 -25.69 -13.77 14.56
CA ILE E 468 -26.54 -12.87 13.78
C ILE E 468 -26.40 -11.44 14.29
N LEU E 469 -26.58 -11.25 15.60
CA LEU E 469 -26.64 -9.90 16.15
C LEU E 469 -25.32 -9.16 15.96
N TYR E 470 -24.21 -9.88 15.90
CA TYR E 470 -22.89 -9.26 15.93
C TYR E 470 -22.22 -9.17 14.57
N ASN E 471 -22.73 -9.85 13.54
CA ASN E 471 -22.08 -9.90 12.24
C ASN E 471 -22.93 -9.37 11.09
N ILE E 472 -24.22 -9.70 11.06
CA ILE E 472 -25.05 -9.30 9.92
C ILE E 472 -25.17 -7.80 9.82
N MET E 473 -25.20 -7.09 10.95
CA MET E 473 -25.32 -5.64 10.92
C MET E 473 -24.18 -5.01 10.13
N SER E 474 -22.98 -5.59 10.21
CA SER E 474 -21.82 -5.09 9.47
C SER E 474 -21.98 -5.48 8.01
N LYS E 475 -22.22 -4.49 7.15
CA LYS E 475 -22.37 -4.79 5.73
C LYS E 475 -21.08 -5.34 5.14
N LYS E 476 -19.92 -4.80 5.54
CA LYS E 476 -18.66 -5.31 5.03
C LYS E 476 -18.49 -6.80 5.30
N TYR E 477 -19.05 -7.31 6.41
CA TYR E 477 -19.12 -8.75 6.60
C TYR E 477 -20.12 -9.38 5.65
N ARG E 478 -21.25 -8.70 5.41
CA ARG E 478 -22.25 -9.22 4.50
C ARG E 478 -21.70 -9.36 3.08
N VAL E 479 -20.93 -8.38 2.63
CA VAL E 479 -20.33 -8.48 1.30
C VAL E 479 -19.43 -9.70 1.21
N ALA E 480 -18.69 -10.00 2.29
CA ALA E 480 -17.76 -11.13 2.27
C ALA E 480 -18.48 -12.46 2.14
N VAL E 481 -19.76 -12.54 2.53
CA VAL E 481 -20.48 -13.79 2.51
C VAL E 481 -20.75 -14.22 1.07
N VAL F 38 35.38 0.49 8.60
CA VAL F 38 34.93 -0.69 9.39
C VAL F 38 36.10 -1.24 10.20
N GLN F 39 35.86 -1.54 11.46
CA GLN F 39 36.92 -1.99 12.35
C GLN F 39 36.34 -2.92 13.42
N LEU F 40 37.07 -3.98 13.71
CA LEU F 40 36.71 -4.92 14.76
C LEU F 40 37.94 -5.19 15.60
N VAL F 41 37.93 -4.75 16.86
CA VAL F 41 39.11 -4.83 17.71
C VAL F 41 38.77 -5.69 18.92
N GLU F 42 39.52 -6.76 19.13
CA GLU F 42 39.29 -7.69 20.22
C GLU F 42 40.26 -7.43 21.37
N SER F 43 39.87 -7.90 22.55
CA SER F 43 40.67 -7.73 23.76
C SER F 43 40.23 -8.76 24.79
N GLY F 44 41.02 -8.89 25.84
CA GLY F 44 40.75 -9.84 26.89
C GLY F 44 41.59 -11.09 26.85
N GLY F 45 42.58 -11.16 25.97
CA GLY F 45 43.46 -12.31 25.86
C GLY F 45 44.46 -12.38 26.99
N GLY F 46 45.63 -12.93 26.68
CA GLY F 46 46.67 -13.09 27.68
C GLY F 46 46.77 -14.52 28.17
N LEU F 47 47.50 -14.69 29.27
CA LEU F 47 47.74 -16.00 29.83
C LEU F 47 46.76 -16.29 30.97
N VAL F 48 46.24 -17.52 30.99
CA VAL F 48 45.28 -17.95 32.00
C VAL F 48 45.59 -19.40 32.36
N GLN F 49 45.31 -19.75 33.61
CA GLN F 49 45.60 -21.11 34.06
C GLN F 49 44.49 -22.06 33.61
N PRO F 50 44.81 -23.34 33.37
CA PRO F 50 43.77 -24.29 32.96
C PRO F 50 42.68 -24.39 34.01
N GLY F 51 41.45 -24.57 33.53
CA GLY F 51 40.30 -24.64 34.40
C GLY F 51 39.79 -23.30 34.88
N GLY F 52 40.37 -22.21 34.42
CA GLY F 52 39.93 -20.88 34.80
C GLY F 52 38.79 -20.39 33.94
N SER F 53 38.44 -19.12 34.13
CA SER F 53 37.38 -18.48 33.37
C SER F 53 37.88 -17.14 32.84
N ARG F 54 37.37 -16.74 31.68
CA ARG F 54 37.80 -15.50 31.06
C ARG F 54 36.68 -14.96 30.17
N LYS F 55 36.88 -13.73 29.72
CA LYS F 55 35.87 -12.97 28.97
C LYS F 55 36.57 -12.26 27.81
N LEU F 56 36.43 -12.81 26.61
CA LEU F 56 36.88 -12.09 25.43
C LEU F 56 35.83 -11.06 25.03
N SER F 57 36.31 -9.86 24.70
CA SER F 57 35.42 -8.78 24.28
C SER F 57 35.89 -8.26 22.93
N CYS F 58 34.95 -7.70 22.19
CA CYS F 58 35.25 -7.12 20.88
C CYS F 58 34.40 -5.89 20.64
N SER F 59 35.08 -4.79 20.34
CA SER F 59 34.42 -3.53 19.97
C SER F 59 34.36 -3.41 18.46
N ALA F 60 33.17 -3.08 17.97
CA ALA F 60 32.91 -2.91 16.54
C ALA F 60 32.69 -1.43 16.25
N SER F 61 33.21 -0.97 15.11
CA SER F 61 33.09 0.42 14.74
C SER F 61 32.99 0.52 13.22
N GLY F 62 32.39 1.61 12.75
CA GLY F 62 32.35 1.87 11.32
C GLY F 62 31.39 1.03 10.52
N PHE F 63 30.46 0.35 11.17
CA PHE F 63 29.44 -0.40 10.44
C PHE F 63 28.27 -0.69 11.37
N ALA F 64 27.14 -1.06 10.77
CA ALA F 64 25.90 -1.29 11.50
C ALA F 64 25.99 -2.65 12.21
N PHE F 65 26.62 -2.62 13.39
CA PHE F 65 26.86 -3.85 14.12
C PHE F 65 25.58 -4.63 14.38
N SER F 66 24.47 -3.92 14.63
CA SER F 66 23.25 -4.58 15.04
C SER F 66 22.70 -5.49 13.95
N SER F 67 23.00 -5.17 12.68
CA SER F 67 22.45 -5.93 11.56
C SER F 67 23.36 -7.04 11.08
N PHE F 68 24.51 -7.25 11.72
CA PHE F 68 25.45 -8.30 11.33
C PHE F 68 25.43 -9.42 12.36
N GLY F 69 25.33 -10.65 11.89
CA GLY F 69 25.68 -11.78 12.72
C GLY F 69 27.18 -11.82 12.95
N MET F 70 27.58 -12.44 14.06
CA MET F 70 28.98 -12.43 14.47
C MET F 70 29.44 -13.84 14.80
N HIS F 71 30.66 -14.16 14.37
CA HIS F 71 31.29 -15.45 14.65
C HIS F 71 32.58 -15.24 15.43
N TRP F 72 32.87 -16.19 16.32
CA TRP F 72 34.18 -16.35 16.91
C TRP F 72 34.84 -17.56 16.27
N VAL F 73 36.05 -17.36 15.74
CA VAL F 73 36.81 -18.41 15.06
C VAL F 73 38.22 -18.41 15.63
N ARG F 74 38.70 -19.58 16.06
CA ARG F 74 40.01 -19.66 16.67
C ARG F 74 41.04 -20.19 15.67
N GLN F 75 42.31 -19.96 16.01
CA GLN F 75 43.42 -20.53 15.25
C GLN F 75 44.52 -20.91 16.24
N ALA F 76 44.91 -22.19 16.23
CA ALA F 76 45.94 -22.64 17.16
C ALA F 76 47.28 -21.99 16.80
N PRO F 77 48.24 -21.98 17.72
CA PRO F 77 49.48 -21.24 17.49
C PRO F 77 50.18 -21.62 16.20
N GLU F 78 50.05 -22.89 15.77
CA GLU F 78 50.69 -23.33 14.53
C GLU F 78 49.80 -24.23 13.69
N LYS F 79 48.48 -24.08 13.74
CA LYS F 79 47.59 -24.92 12.97
C LYS F 79 46.47 -24.07 12.38
N GLY F 80 45.51 -24.73 11.74
CA GLY F 80 44.55 -24.05 10.92
C GLY F 80 43.39 -23.43 11.69
N LEU F 81 42.51 -22.79 10.92
CA LEU F 81 41.33 -22.15 11.48
C LEU F 81 40.33 -23.19 11.99
N GLU F 82 39.57 -22.82 13.01
CA GLU F 82 38.49 -23.66 13.51
C GLU F 82 37.40 -22.75 14.07
N TRP F 83 36.18 -22.94 13.62
CA TRP F 83 35.07 -22.09 14.03
C TRP F 83 34.66 -22.42 15.46
N VAL F 84 34.40 -21.37 16.25
CA VAL F 84 34.08 -21.50 17.68
C VAL F 84 32.60 -21.29 17.93
N ALA F 85 32.08 -20.10 17.63
CA ALA F 85 30.73 -19.76 18.04
C ALA F 85 30.11 -18.79 17.04
N TYR F 86 28.79 -18.64 17.13
CA TYR F 86 28.04 -17.76 16.25
C TYR F 86 26.80 -17.23 16.96
N ILE F 87 26.58 -15.92 16.86
CA ILE F 87 25.39 -15.27 17.38
C ILE F 87 24.77 -14.46 16.24
N SER F 88 23.49 -14.73 15.97
CA SER F 88 22.82 -14.08 14.86
C SER F 88 22.44 -12.64 15.20
N SER F 89 22.15 -11.86 14.16
CA SER F 89 21.63 -10.51 14.37
C SER F 89 20.26 -10.59 15.04
N GLY F 90 20.08 -9.80 16.09
CA GLY F 90 18.92 -9.94 16.94
C GLY F 90 19.05 -10.99 18.01
N SER F 91 20.15 -11.73 18.03
CA SER F 91 20.45 -12.72 19.07
C SER F 91 19.45 -13.87 19.06
N GLY F 92 18.68 -14.03 17.99
CA GLY F 92 17.68 -15.08 17.94
C GLY F 92 18.25 -16.48 17.78
N THR F 93 19.41 -16.61 17.15
CA THR F 93 20.05 -17.91 16.93
C THR F 93 21.47 -17.86 17.48
N ILE F 94 21.85 -18.88 18.24
CA ILE F 94 23.20 -19.03 18.75
C ILE F 94 23.65 -20.47 18.50
N TYR F 95 24.84 -20.61 17.94
CA TYR F 95 25.44 -21.92 17.69
C TYR F 95 26.83 -21.97 18.31
N TYR F 96 27.21 -23.14 18.80
CA TYR F 96 28.54 -23.37 19.32
C TYR F 96 29.15 -24.59 18.64
N ALA F 97 30.48 -24.59 18.51
CA ALA F 97 31.19 -25.77 18.06
C ALA F 97 31.04 -26.88 19.09
N ASP F 98 30.90 -28.11 18.60
CA ASP F 98 30.77 -29.25 19.52
C ASP F 98 31.93 -29.33 20.49
N THR F 99 33.12 -28.91 20.06
CA THR F 99 34.30 -29.00 20.91
C THR F 99 34.21 -28.07 22.12
N VAL F 100 33.35 -27.05 22.04
CA VAL F 100 33.21 -26.07 23.11
C VAL F 100 31.78 -25.91 23.57
N LYS F 101 30.84 -26.67 23.02
CA LYS F 101 29.43 -26.54 23.40
C LYS F 101 29.26 -26.78 24.89
N GLY F 102 28.57 -25.85 25.55
CA GLY F 102 28.36 -25.91 26.97
C GLY F 102 29.41 -25.22 27.82
N ARG F 103 30.59 -24.96 27.24
CA ARG F 103 31.67 -24.30 27.96
C ARG F 103 31.76 -22.81 27.64
N PHE F 104 31.54 -22.45 26.37
CA PHE F 104 31.59 -21.07 25.94
C PHE F 104 30.17 -20.53 25.80
N THR F 105 30.04 -19.21 25.97
CA THR F 105 28.77 -18.52 25.84
C THR F 105 29.00 -17.22 25.07
N ILE F 106 28.31 -17.07 23.94
CA ILE F 106 28.46 -15.92 23.07
C ILE F 106 27.28 -14.99 23.28
N SER F 107 27.58 -13.70 23.46
CA SER F 107 26.55 -12.69 23.68
C SER F 107 26.95 -11.43 22.92
N ARG F 108 26.00 -10.51 22.79
CA ARG F 108 26.25 -9.25 22.10
C ARG F 108 25.47 -8.12 22.75
N ASP F 109 26.09 -6.96 22.80
CA ASP F 109 25.47 -5.72 23.28
C ASP F 109 25.48 -4.75 22.10
N ASP F 110 24.36 -4.72 21.38
CA ASP F 110 24.27 -3.84 20.21
C ASP F 110 24.36 -2.37 20.58
N PRO F 111 23.67 -1.88 21.61
CA PRO F 111 23.79 -0.45 21.95
C PRO F 111 25.22 -0.01 22.19
N LYS F 112 26.05 -0.89 22.79
CA LYS F 112 27.46 -0.60 22.99
C LYS F 112 28.33 -1.11 21.85
N ASN F 113 27.74 -1.75 20.84
CA ASN F 113 28.49 -2.27 19.69
C ASN F 113 29.62 -3.18 20.16
N THR F 114 29.28 -4.19 20.96
CA THR F 114 30.27 -5.10 21.51
C THR F 114 29.80 -6.54 21.38
N LEU F 115 30.76 -7.45 21.22
CA LEU F 115 30.51 -8.88 21.17
C LEU F 115 31.36 -9.56 22.23
N PHE F 116 30.73 -10.36 23.09
CA PHE F 116 31.41 -10.99 24.22
C PHE F 116 31.38 -12.50 24.07
N LEU F 117 32.44 -13.14 24.58
CA LEU F 117 32.55 -14.59 24.64
C LEU F 117 33.05 -14.95 26.04
N GLN F 118 32.16 -15.47 26.87
CA GLN F 118 32.55 -16.04 28.16
C GLN F 118 33.07 -17.44 27.96
N MET F 119 34.21 -17.75 28.57
CA MET F 119 34.78 -19.09 28.54
C MET F 119 35.05 -19.55 29.96
N THR F 120 34.73 -20.82 30.22
CA THR F 120 34.92 -21.43 31.53
C THR F 120 35.48 -22.83 31.36
N SER F 121 36.16 -23.31 32.39
CA SER F 121 36.78 -24.63 32.37
C SER F 121 37.75 -24.76 31.20
N LEU F 122 38.55 -23.71 30.99
CA LEU F 122 39.46 -23.69 29.84
C LEU F 122 40.44 -24.84 29.90
N ARG F 123 40.57 -25.56 28.79
CA ARG F 123 41.51 -26.66 28.68
C ARG F 123 42.80 -26.19 28.00
N SER F 124 43.75 -27.12 27.87
CA SER F 124 44.99 -26.80 27.17
C SER F 124 44.73 -26.48 25.71
N GLU F 125 43.80 -27.20 25.08
CA GLU F 125 43.55 -27.02 23.65
C GLU F 125 42.98 -25.64 23.33
N ASP F 126 42.52 -24.90 24.34
CA ASP F 126 41.89 -23.60 24.10
C ASP F 126 42.89 -22.50 23.79
N THR F 127 44.19 -22.75 23.88
CA THR F 127 45.17 -21.72 23.50
C THR F 127 45.04 -21.46 22.01
N ALA F 128 44.84 -20.20 21.63
CA ALA F 128 44.70 -19.87 20.22
C ALA F 128 44.52 -18.37 20.07
N MET F 129 44.68 -17.89 18.85
CA MET F 129 44.28 -16.53 18.51
C MET F 129 42.81 -16.56 18.08
N TYR F 130 41.99 -15.73 18.73
CA TYR F 130 40.56 -15.69 18.50
C TYR F 130 40.25 -14.50 17.63
N TYR F 131 39.57 -14.74 16.51
CA TYR F 131 39.13 -13.72 15.59
C TYR F 131 37.62 -13.56 15.68
N CYS F 132 37.17 -12.31 15.61
CA CYS F 132 35.77 -11.99 15.47
C CYS F 132 35.49 -11.68 13.99
N VAL F 133 34.44 -12.27 13.46
CA VAL F 133 34.13 -12.15 12.04
C VAL F 133 32.68 -11.77 11.87
N ARG F 134 32.43 -10.63 11.24
CA ARG F 134 31.07 -10.21 10.91
C ARG F 134 30.58 -10.96 9.68
N SER F 135 29.27 -11.15 9.60
CA SER F 135 28.67 -11.88 8.51
C SER F 135 27.20 -11.51 8.43
N ILE F 136 26.75 -11.07 7.26
CA ILE F 136 25.38 -10.64 7.05
C ILE F 136 24.75 -11.54 5.99
N TYR F 137 23.51 -11.95 6.23
CA TYR F 137 22.84 -12.95 5.41
C TYR F 137 21.61 -12.36 4.76
N TYR F 138 21.60 -12.34 3.43
CA TYR F 138 20.43 -12.06 2.61
C TYR F 138 20.83 -12.41 1.19
N TYR F 139 19.85 -12.47 0.29
CA TYR F 139 20.12 -12.89 -1.07
C TYR F 139 21.25 -12.04 -1.65
N GLY F 140 22.34 -12.69 -2.04
CA GLY F 140 23.44 -12.02 -2.70
C GLY F 140 24.48 -11.41 -1.78
N SER F 141 24.35 -11.59 -0.46
CA SER F 141 25.34 -11.04 0.45
C SER F 141 26.58 -11.93 0.51
N SER F 142 27.64 -11.40 1.13
CA SER F 142 28.91 -12.10 1.27
C SER F 142 29.25 -12.20 2.76
N PRO F 143 28.86 -13.26 3.45
CA PRO F 143 29.23 -13.40 4.86
C PRO F 143 30.72 -13.66 5.03
N PHE F 144 31.17 -13.47 6.27
CA PHE F 144 32.57 -13.64 6.64
C PHE F 144 33.50 -12.69 5.88
N ASP F 145 32.98 -11.51 5.51
CA ASP F 145 33.74 -10.60 4.65
C ASP F 145 34.84 -9.88 5.41
N PHE F 146 34.61 -9.50 6.67
CA PHE F 146 35.58 -8.74 7.44
C PHE F 146 35.94 -9.50 8.70
N TRP F 147 37.24 -9.57 9.00
CA TRP F 147 37.76 -10.28 10.15
C TRP F 147 38.45 -9.30 11.09
N GLY F 148 38.39 -9.59 12.39
CA GLY F 148 39.07 -8.77 13.38
C GLY F 148 40.56 -8.99 13.38
N GLN F 149 41.29 -8.18 14.14
CA GLN F 149 42.74 -8.32 14.20
C GLN F 149 43.16 -9.53 15.03
N GLY F 150 42.27 -10.07 15.86
CA GLY F 150 42.58 -11.25 16.64
C GLY F 150 43.19 -10.93 17.99
N THR F 151 42.82 -11.71 19.01
CA THR F 151 43.42 -11.60 20.33
C THR F 151 43.95 -12.97 20.75
N THR F 152 45.18 -12.99 21.25
CA THR F 152 45.83 -14.26 21.59
C THR F 152 45.48 -14.66 23.01
N LEU F 153 45.16 -15.95 23.19
CA LEU F 153 44.86 -16.53 24.49
C LEU F 153 45.78 -17.72 24.70
N THR F 154 46.48 -17.74 25.83
CA THR F 154 47.38 -18.82 26.19
C THR F 154 46.87 -19.49 27.45
N VAL F 155 46.91 -20.82 27.47
CA VAL F 155 46.54 -21.60 28.65
C VAL F 155 47.81 -22.24 29.18
N SER F 156 48.11 -21.99 30.46
CA SER F 156 49.37 -22.47 31.03
C SER F 156 49.45 -23.99 30.98
N ALA F 157 50.65 -24.49 30.75
CA ALA F 157 50.88 -25.93 30.69
C ALA F 157 50.70 -26.56 32.06
N ALA F 173 30.11 -36.68 12.22
CA ALA F 173 28.87 -36.15 11.67
C ALA F 173 29.13 -34.86 10.90
N ASP F 174 30.16 -34.13 11.32
CA ASP F 174 30.49 -32.87 10.68
C ASP F 174 31.05 -33.11 9.28
N ILE F 175 30.98 -32.07 8.44
CA ILE F 175 31.54 -32.12 7.10
C ILE F 175 33.04 -31.86 7.21
N VAL F 176 33.86 -32.85 6.84
CA VAL F 176 35.31 -32.71 6.93
C VAL F 176 35.82 -32.09 5.64
N MET F 177 36.59 -31.01 5.77
CA MET F 177 37.18 -30.31 4.64
C MET F 177 38.68 -30.62 4.61
N THR F 178 39.16 -31.10 3.47
CA THR F 178 40.56 -31.45 3.31
C THR F 178 41.12 -30.79 2.06
N GLN F 179 42.22 -30.08 2.23
CA GLN F 179 42.94 -29.46 1.12
C GLN F 179 44.05 -30.39 0.66
N ALA F 180 44.19 -30.53 -0.66
CA ALA F 180 45.04 -31.57 -1.22
C ALA F 180 46.45 -31.50 -0.64
N THR F 181 47.07 -30.32 -0.68
CA THR F 181 48.45 -30.14 -0.27
C THR F 181 48.55 -29.01 0.73
N SER F 182 49.40 -29.22 1.76
CA SER F 182 49.63 -28.17 2.74
C SER F 182 50.55 -27.08 2.21
N SER F 183 51.42 -27.41 1.25
CA SER F 183 52.42 -26.47 0.78
C SER F 183 52.54 -26.56 -0.73
N VAL F 184 52.92 -25.45 -1.34
CA VAL F 184 53.16 -25.37 -2.78
C VAL F 184 54.19 -24.28 -3.04
N PRO F 185 55.29 -24.57 -3.73
CA PRO F 185 56.27 -23.51 -4.05
C PRO F 185 55.82 -22.71 -5.27
N VAL F 186 55.88 -21.38 -5.14
CA VAL F 186 55.44 -20.48 -6.20
C VAL F 186 56.43 -19.32 -6.32
N THR F 187 56.42 -18.68 -7.48
CA THR F 187 57.20 -17.49 -7.74
C THR F 187 56.33 -16.44 -8.43
N PRO F 188 56.64 -15.16 -8.26
CA PRO F 188 55.76 -14.13 -8.81
C PRO F 188 55.58 -14.27 -10.31
N GLY F 189 54.36 -13.97 -10.77
CA GLY F 189 54.05 -13.98 -12.18
C GLY F 189 53.52 -15.29 -12.73
N GLU F 190 53.52 -16.36 -11.94
CA GLU F 190 53.06 -17.65 -12.43
C GLU F 190 51.58 -17.84 -12.11
N SER F 191 51.01 -18.92 -12.66
CA SER F 191 49.63 -19.31 -12.42
C SER F 191 49.60 -20.55 -11.54
N VAL F 192 48.77 -20.51 -10.51
CA VAL F 192 48.73 -21.57 -9.51
C VAL F 192 47.28 -21.97 -9.26
N SER F 193 47.09 -23.20 -8.79
CA SER F 193 45.78 -23.74 -8.45
C SER F 193 45.82 -24.42 -7.10
N ILE F 194 44.74 -24.31 -6.35
CA ILE F 194 44.58 -24.93 -5.04
C ILE F 194 43.34 -25.81 -5.09
N SER F 195 43.45 -27.02 -4.55
CA SER F 195 42.38 -28.00 -4.59
C SER F 195 41.77 -28.18 -3.20
N CYS F 196 40.48 -28.47 -3.17
CA CYS F 196 39.74 -28.69 -1.93
C CYS F 196 38.76 -29.83 -2.11
N ARG F 197 38.52 -30.58 -1.04
CA ARG F 197 37.57 -31.68 -1.06
C ARG F 197 36.74 -31.65 0.22
N SER F 198 35.49 -32.10 0.10
CA SER F 198 34.55 -32.12 1.21
C SER F 198 33.89 -33.48 1.31
N SER F 199 33.57 -33.89 2.53
CA SER F 199 32.90 -35.17 2.74
C SER F 199 31.54 -35.18 2.03
N LYS F 200 30.75 -34.15 2.26
CA LYS F 200 29.44 -34.01 1.64
C LYS F 200 29.53 -33.08 0.42
N SER F 201 28.49 -33.12 -0.40
CA SER F 201 28.38 -32.17 -1.50
C SER F 201 27.86 -30.84 -0.97
N LEU F 202 28.67 -29.79 -1.12
CA LEU F 202 28.26 -28.47 -0.67
C LEU F 202 27.21 -27.84 -1.55
N LEU F 203 26.91 -28.45 -2.71
CA LEU F 203 25.85 -27.95 -3.57
C LEU F 203 24.50 -28.20 -2.91
N HIS F 204 23.70 -27.14 -2.78
CA HIS F 204 22.37 -27.23 -2.18
C HIS F 204 21.32 -27.36 -3.26
N SER F 205 20.14 -27.85 -2.86
CA SER F 205 19.04 -28.01 -3.81
C SER F 205 18.63 -26.68 -4.44
N ASN F 206 18.78 -25.57 -3.72
CA ASN F 206 18.42 -24.27 -4.27
C ASN F 206 19.42 -23.76 -5.29
N GLY F 207 20.56 -24.43 -5.46
CA GLY F 207 21.55 -24.07 -6.44
C GLY F 207 22.83 -23.48 -5.88
N ASN F 208 22.80 -23.00 -4.63
CA ASN F 208 23.99 -22.42 -4.03
C ASN F 208 25.01 -23.51 -3.68
N THR F 209 26.28 -23.19 -3.89
CA THR F 209 27.39 -24.05 -3.49
C THR F 209 28.16 -23.30 -2.41
N TYR F 210 28.00 -23.74 -1.17
CA TYR F 210 28.48 -22.96 -0.02
C TYR F 210 29.94 -23.26 0.29
N LEU F 211 30.84 -22.81 -0.59
CA LEU F 211 32.26 -22.87 -0.32
C LEU F 211 32.85 -21.47 -0.29
N TYR F 212 33.70 -21.23 0.70
CA TYR F 212 34.35 -19.94 0.89
C TYR F 212 35.86 -20.14 0.89
N TRP F 213 36.56 -19.24 0.20
CA TRP F 213 38.02 -19.22 0.18
C TRP F 213 38.52 -17.99 0.91
N PHE F 214 39.36 -18.21 1.91
CA PHE F 214 40.00 -17.14 2.67
C PHE F 214 41.51 -17.21 2.45
N LEU F 215 42.16 -16.06 2.56
CA LEU F 215 43.62 -15.98 2.50
C LEU F 215 44.13 -15.31 3.77
N GLN F 216 45.06 -15.97 4.45
CA GLN F 216 45.74 -15.39 5.61
C GLN F 216 47.20 -15.18 5.27
N ARG F 217 47.63 -13.92 5.24
CA ARG F 217 49.04 -13.60 5.05
C ARG F 217 49.76 -13.67 6.39
N PRO F 218 51.09 -13.82 6.36
CA PRO F 218 51.84 -13.87 7.62
C PRO F 218 51.62 -12.65 8.49
N GLY F 219 51.23 -12.85 9.74
CA GLY F 219 51.03 -11.76 10.67
C GLY F 219 49.73 -11.00 10.50
N GLN F 220 48.87 -11.41 9.58
CA GLN F 220 47.61 -10.74 9.32
C GLN F 220 46.44 -11.70 9.53
N SER F 221 45.29 -11.12 9.86
CA SER F 221 44.08 -11.90 10.00
C SER F 221 43.56 -12.31 8.63
N PRO F 222 42.79 -13.41 8.56
CA PRO F 222 42.29 -13.85 7.25
C PRO F 222 41.38 -12.82 6.61
N GLN F 223 41.41 -12.78 5.29
CA GLN F 223 40.55 -11.93 4.50
C GLN F 223 39.78 -12.77 3.49
N LEU F 224 38.50 -12.44 3.32
CA LEU F 224 37.67 -13.20 2.39
C LEU F 224 38.14 -12.99 0.96
N LEU F 225 38.31 -14.09 0.24
CA LEU F 225 38.62 -14.06 -1.18
C LEU F 225 37.38 -14.40 -2.01
N ILE F 226 36.78 -15.55 -1.74
CA ILE F 226 35.65 -16.05 -2.52
C ILE F 226 34.55 -16.48 -1.58
N TYR F 227 33.30 -16.16 -1.92
CA TYR F 227 32.14 -16.62 -1.16
C TYR F 227 31.18 -17.35 -2.09
N ARG F 228 30.62 -18.44 -1.58
CA ARG F 228 29.70 -19.30 -2.33
C ARG F 228 30.39 -19.88 -3.56
N MET F 229 31.70 -20.03 -3.46
CA MET F 229 32.50 -20.87 -4.36
C MET F 229 32.73 -20.29 -5.74
N SER F 230 32.09 -19.17 -6.08
CA SER F 230 32.34 -18.56 -7.38
C SER F 230 32.29 -17.03 -7.39
N ASN F 231 32.12 -16.37 -6.25
CA ASN F 231 31.90 -14.94 -6.22
C ASN F 231 33.09 -14.26 -5.54
N LEU F 232 33.69 -13.28 -6.23
CA LEU F 232 34.80 -12.53 -5.65
C LEU F 232 34.30 -11.55 -4.60
N ALA F 233 35.03 -11.45 -3.50
CA ALA F 233 34.67 -10.51 -2.45
C ALA F 233 35.04 -9.09 -2.85
N SER F 234 34.53 -8.13 -2.08
CA SER F 234 34.79 -6.72 -2.35
C SER F 234 36.28 -6.44 -2.21
N GLY F 235 36.84 -5.79 -3.23
CA GLY F 235 38.23 -5.40 -3.25
C GLY F 235 39.20 -6.48 -3.65
N VAL F 236 38.72 -7.70 -3.90
CA VAL F 236 39.62 -8.78 -4.34
C VAL F 236 39.94 -8.59 -5.82
N PRO F 237 41.20 -8.65 -6.23
CA PRO F 237 41.53 -8.49 -7.65
C PRO F 237 41.00 -9.66 -8.47
N ASP F 238 40.93 -9.43 -9.79
CA ASP F 238 40.37 -10.41 -10.71
C ASP F 238 41.29 -11.62 -10.86
N ARG F 239 42.50 -11.54 -10.30
CA ARG F 239 43.44 -12.66 -10.40
C ARG F 239 42.79 -13.95 -9.90
N PHE F 240 42.09 -13.88 -8.76
CA PHE F 240 41.53 -15.06 -8.14
C PHE F 240 40.24 -15.48 -8.83
N SER F 241 40.04 -16.79 -8.95
CA SER F 241 38.80 -17.34 -9.48
C SER F 241 38.50 -18.65 -8.76
N GLY F 242 37.22 -18.90 -8.52
CA GLY F 242 36.78 -20.11 -7.83
C GLY F 242 35.83 -20.92 -8.69
N SER F 243 35.96 -22.24 -8.62
CA SER F 243 35.04 -23.12 -9.32
C SER F 243 35.04 -24.47 -8.60
N GLY F 244 34.18 -25.37 -9.05
CA GLY F 244 34.13 -26.69 -8.45
C GLY F 244 32.94 -27.48 -8.95
N SER F 245 32.75 -28.64 -8.33
CA SER F 245 31.75 -29.61 -8.76
C SER F 245 30.96 -30.17 -7.57
N GLY F 246 30.75 -29.36 -6.54
CA GLY F 246 29.96 -29.78 -5.40
C GLY F 246 30.78 -30.50 -4.34
N THR F 247 31.56 -31.51 -4.75
CA THR F 247 32.37 -32.27 -3.83
C THR F 247 33.85 -31.91 -3.90
N ALA F 248 34.31 -31.40 -5.04
CA ALA F 248 35.69 -30.98 -5.21
C ALA F 248 35.70 -29.57 -5.78
N PHE F 249 36.69 -28.79 -5.36
CA PHE F 249 36.72 -27.36 -5.67
C PHE F 249 38.14 -26.94 -5.99
N THR F 250 38.26 -25.86 -6.77
CA THR F 250 39.55 -25.36 -7.20
C THR F 250 39.54 -23.84 -7.21
N LEU F 251 40.57 -23.26 -6.61
CA LEU F 251 40.83 -21.83 -6.63
C LEU F 251 42.08 -21.56 -7.45
N THR F 252 41.94 -20.77 -8.50
CA THR F 252 43.03 -20.48 -9.43
C THR F 252 43.44 -19.03 -9.33
N ILE F 253 44.74 -18.79 -9.19
CA ILE F 253 45.32 -17.46 -9.21
C ILE F 253 46.14 -17.35 -10.49
N SER F 254 45.85 -16.34 -11.29
CA SER F 254 46.53 -16.13 -12.57
C SER F 254 47.52 -14.98 -12.44
N ARG F 255 48.76 -15.23 -12.85
CA ARG F 255 49.84 -14.25 -12.75
C ARG F 255 49.98 -13.78 -11.30
N LEU F 256 50.35 -14.73 -10.44
CA LEU F 256 50.48 -14.48 -9.01
C LEU F 256 51.29 -13.22 -8.74
N GLU F 257 50.72 -12.33 -7.95
CA GLU F 257 51.39 -11.11 -7.52
C GLU F 257 51.99 -11.30 -6.14
N ALA F 258 52.97 -10.45 -5.82
CA ALA F 258 53.52 -10.44 -4.47
C ALA F 258 52.42 -10.09 -3.48
N GLU F 259 52.58 -10.57 -2.25
CA GLU F 259 51.62 -10.48 -1.15
C GLU F 259 50.48 -11.47 -1.33
N ASP F 260 50.40 -12.20 -2.44
CA ASP F 260 49.46 -13.30 -2.55
C ASP F 260 49.93 -14.53 -1.81
N VAL F 261 51.20 -14.54 -1.37
CA VAL F 261 51.71 -15.66 -0.59
C VAL F 261 51.04 -15.67 0.78
N GLY F 262 50.79 -16.85 1.29
CA GLY F 262 50.10 -17.04 2.54
C GLY F 262 49.37 -18.36 2.53
N VAL F 263 48.51 -18.57 3.52
CA VAL F 263 47.76 -19.81 3.65
C VAL F 263 46.35 -19.58 3.13
N TYR F 264 45.96 -20.37 2.13
CA TYR F 264 44.60 -20.37 1.64
C TYR F 264 43.79 -21.43 2.39
N TYR F 265 42.65 -21.00 2.94
CA TYR F 265 41.77 -21.85 3.72
C TYR F 265 40.44 -22.00 3.01
N CYS F 266 39.94 -23.23 2.96
CA CYS F 266 38.58 -23.49 2.52
C CYS F 266 37.65 -23.51 3.73
N MET F 267 36.38 -23.21 3.46
CA MET F 267 35.35 -23.28 4.49
C MET F 267 34.03 -23.64 3.84
N GLN F 268 33.18 -24.31 4.60
CA GLN F 268 31.84 -24.65 4.15
C GLN F 268 30.81 -24.02 5.08
N HIS F 269 29.78 -23.43 4.48
CA HIS F 269 28.67 -22.84 5.21
C HIS F 269 27.38 -23.59 4.95
N LEU F 270 27.49 -24.89 4.63
CA LEU F 270 26.32 -25.67 4.25
C LEU F 270 25.47 -26.01 5.46
N GLU F 271 26.09 -26.39 6.58
CA GLU F 271 25.37 -26.88 7.75
C GLU F 271 25.87 -26.16 9.00
N TYR F 272 25.16 -26.38 10.10
CA TYR F 272 25.36 -25.61 11.32
C TYR F 272 26.82 -25.57 11.76
N PRO F 273 27.55 -26.69 11.84
CA PRO F 273 28.96 -26.61 12.25
C PRO F 273 29.86 -26.20 11.09
N LEU F 274 30.37 -24.97 11.15
CA LEU F 274 31.28 -24.51 10.11
C LEU F 274 32.66 -25.11 10.30
N THR F 275 33.21 -25.68 9.22
CA THR F 275 34.49 -26.36 9.28
C THR F 275 35.42 -25.79 8.23
N PHE F 276 36.67 -25.56 8.61
CA PHE F 276 37.71 -25.08 7.72
C PHE F 276 38.62 -26.22 7.30
N GLY F 277 39.40 -25.99 6.26
CA GLY F 277 40.40 -26.94 5.85
C GLY F 277 41.70 -26.77 6.61
N ALA F 278 42.64 -27.67 6.32
CA ALA F 278 43.95 -27.60 6.95
C ALA F 278 44.76 -26.40 6.46
N GLY F 279 44.47 -25.91 5.27
CA GLY F 279 45.21 -24.78 4.71
C GLY F 279 46.28 -25.21 3.73
N THR F 280 46.51 -24.36 2.73
CA THR F 280 47.53 -24.61 1.72
C THR F 280 48.45 -23.39 1.66
N LYS F 281 49.75 -23.63 1.85
CA LYS F 281 50.72 -22.55 2.01
C LYS F 281 51.37 -22.26 0.65
N LEU F 282 51.31 -21.00 0.23
CA LEU F 282 52.02 -20.51 -0.94
C LEU F 282 53.13 -19.58 -0.47
N GLU F 283 54.36 -19.88 -0.86
CA GLU F 283 55.51 -19.07 -0.49
C GLU F 283 56.40 -18.86 -1.71
N LEU F 284 57.16 -17.77 -1.69
CA LEU F 284 58.03 -17.40 -2.79
C LEU F 284 59.09 -18.48 -3.03
#